data_7QEY
#
_entry.id   7QEY
#
_cell.length_a   1.00
_cell.length_b   1.00
_cell.length_c   1.00
_cell.angle_alpha   90.00
_cell.angle_beta   90.00
_cell.angle_gamma   90.00
#
_symmetry.space_group_name_H-M   'P 1'
#
loop_
_entity.id
_entity.type
_entity.pdbx_description
1 polymer 'Gap junction beta-2 protein'
2 non-polymer DODECYL-BETA-D-MALTOSIDE
3 non-polymer PHOSPHATIDYLETHANOLAMINE
4 water water
#
_entity_poly.entity_id   1
_entity_poly.type   'polypeptide(L)'
_entity_poly.pdbx_seq_one_letter_code
;ILGGVNKHSTSIGKIWLTVLFIFRIMILVVAAKEVWGDEQADFVCNTLQPGCKNVCYDHYFPISHIRLWALQLIFVSTPA
LLVAMHVAYRRHEEGSLWWTYTSSIFFRVIFEAAFMYVFYVMYDGFSMQRLVKCNAWPCPNTVDCFVSRPTEKTVFTVFM
IAVSGICILLNVTELCYLLIRY
;
_entity_poly.pdbx_strand_id   G,H,I,J,K,L
#
# COMPACT_ATOMS: atom_id res chain seq x y z
N ILE A 1 -1.71 12.64 -17.96
CA ILE A 1 -2.42 11.39 -18.25
C ILE A 1 -3.70 11.70 -19.00
N LEU A 2 -4.71 12.19 -18.28
CA LEU A 2 -5.98 12.53 -18.92
C LEU A 2 -5.87 13.81 -19.74
N GLY A 3 -4.84 14.63 -19.51
CA GLY A 3 -4.70 15.86 -20.25
C GLY A 3 -4.48 15.65 -21.74
N GLY A 4 -3.67 14.67 -22.11
CA GLY A 4 -3.40 14.39 -23.50
C GLY A 4 -4.63 13.90 -24.26
N VAL A 5 -5.39 12.98 -23.64
CA VAL A 5 -6.57 12.44 -24.28
C VAL A 5 -7.74 13.42 -24.27
N ASN A 6 -7.68 14.47 -23.45
CA ASN A 6 -8.77 15.43 -23.35
C ASN A 6 -8.89 16.33 -24.59
N LYS A 7 -7.92 16.29 -25.50
CA LYS A 7 -7.90 17.19 -26.64
C LYS A 7 -8.60 16.56 -27.85
N HIS A 8 -9.01 17.42 -28.78
CA HIS A 8 -9.63 17.02 -30.04
C HIS A 8 -10.90 16.20 -29.81
N SER A 9 -11.87 16.86 -29.20
CA SER A 9 -13.17 16.25 -28.92
C SER A 9 -14.27 17.28 -29.16
N THR A 10 -15.48 16.77 -29.38
CA THR A 10 -16.63 17.63 -29.70
C THR A 10 -17.21 18.26 -28.44
N SER A 11 -18.38 18.91 -28.57
CA SER A 11 -18.96 19.69 -27.50
C SER A 11 -19.21 18.88 -26.23
N ILE A 12 -19.89 17.74 -26.36
CA ILE A 12 -20.27 16.95 -25.20
C ILE A 12 -19.24 15.87 -24.91
N GLY A 13 -18.53 15.42 -25.94
CA GLY A 13 -17.53 14.40 -25.76
C GLY A 13 -16.29 14.88 -25.02
N LYS A 14 -16.02 16.17 -25.05
CA LYS A 14 -14.83 16.70 -24.40
C LYS A 14 -15.00 16.85 -22.89
N ILE A 15 -16.22 17.08 -22.43
CA ILE A 15 -16.48 17.38 -21.01
C ILE A 15 -17.30 16.29 -20.35
N TRP A 16 -18.51 16.05 -20.83
CA TRP A 16 -19.42 15.14 -20.13
C TRP A 16 -18.93 13.69 -20.21
N LEU A 17 -18.48 13.25 -21.38
CA LEU A 17 -17.99 11.88 -21.50
C LEU A 17 -16.71 11.65 -20.72
N THR A 18 -15.94 12.70 -20.44
CA THR A 18 -14.70 12.52 -19.69
C THR A 18 -14.94 12.46 -18.19
N VAL A 19 -15.80 13.34 -17.67
CA VAL A 19 -16.05 13.36 -16.23
C VAL A 19 -16.78 12.10 -15.80
N LEU A 20 -17.72 11.60 -16.62
CA LEU A 20 -18.40 10.36 -16.29
C LEU A 20 -17.44 9.18 -16.29
N PHE A 21 -16.49 9.15 -17.22
CA PHE A 21 -15.48 8.09 -17.21
C PHE A 21 -14.62 8.16 -15.95
N ILE A 22 -14.23 9.37 -15.55
CA ILE A 22 -13.54 9.53 -14.28
C ILE A 22 -14.47 9.21 -13.12
N PHE A 23 -15.76 9.52 -13.26
CA PHE A 23 -16.72 9.25 -12.20
C PHE A 23 -16.80 7.74 -11.91
N ARG A 24 -16.85 6.92 -12.96
CA ARG A 24 -16.92 5.48 -12.77
C ARG A 24 -15.65 4.93 -12.15
N ILE A 25 -14.49 5.46 -12.56
CA ILE A 25 -13.22 4.99 -12.01
C ILE A 25 -13.15 5.25 -10.51
N MET A 26 -13.55 6.45 -10.09
CA MET A 26 -13.47 6.80 -8.67
C MET A 26 -14.36 5.90 -7.82
N ILE A 27 -15.56 5.60 -8.29
CA ILE A 27 -16.46 4.72 -7.54
C ILE A 27 -15.83 3.34 -7.38
N LEU A 28 -15.14 2.87 -8.41
CA LEU A 28 -14.61 1.51 -8.40
C LEU A 28 -13.45 1.35 -7.42
N VAL A 29 -12.54 2.32 -7.38
CA VAL A 29 -11.29 2.13 -6.64
C VAL A 29 -11.46 2.45 -5.16
N VAL A 30 -12.09 3.59 -4.85
CA VAL A 30 -12.12 4.02 -3.45
C VAL A 30 -13.32 3.47 -2.69
N ALA A 31 -14.38 3.04 -3.38
CA ALA A 31 -15.58 2.57 -2.71
C ALA A 31 -15.91 1.12 -3.02
N ALA A 32 -15.95 0.74 -4.29
CA ALA A 32 -16.46 -0.57 -4.66
C ALA A 32 -15.50 -1.71 -4.32
N LYS A 33 -14.19 -1.49 -4.40
CA LYS A 33 -13.25 -2.58 -4.23
C LYS A 33 -13.28 -3.20 -2.83
N GLU A 34 -13.43 -2.38 -1.79
CA GLU A 34 -13.48 -2.92 -0.43
C GLU A 34 -14.81 -3.57 -0.09
N VAL A 35 -15.86 -3.32 -0.87
CA VAL A 35 -17.12 -4.01 -0.67
C VAL A 35 -17.01 -5.48 -1.06
N TRP A 36 -16.31 -5.76 -2.14
CA TRP A 36 -16.12 -7.12 -2.64
C TRP A 36 -14.88 -7.80 -2.07
N GLY A 37 -14.26 -7.22 -1.05
CA GLY A 37 -13.04 -7.79 -0.52
C GLY A 37 -13.25 -9.17 0.09
N ASP A 38 -14.33 -9.34 0.84
CA ASP A 38 -14.64 -10.60 1.51
C ASP A 38 -15.74 -11.38 0.82
N GLU A 39 -15.75 -11.38 -0.52
CA GLU A 39 -16.81 -12.04 -1.27
C GLU A 39 -16.82 -13.54 -1.02
N GLN A 40 -15.64 -14.17 -0.97
CA GLN A 40 -15.54 -15.60 -0.74
C GLN A 40 -15.25 -15.95 0.71
N ALA A 41 -14.56 -15.07 1.45
CA ALA A 41 -14.24 -15.36 2.85
C ALA A 41 -15.49 -15.45 3.71
N ASP A 42 -16.47 -14.58 3.47
CA ASP A 42 -17.70 -14.57 4.26
C ASP A 42 -18.83 -15.33 3.59
N PHE A 43 -18.55 -16.04 2.49
CA PHE A 43 -19.55 -16.89 1.86
C PHE A 43 -19.77 -18.12 2.72
N VAL A 44 -20.98 -18.29 3.24
CA VAL A 44 -21.29 -19.32 4.23
C VAL A 44 -22.34 -20.26 3.65
N CYS A 45 -22.06 -21.56 3.73
CA CYS A 45 -23.00 -22.60 3.30
C CYS A 45 -23.33 -23.51 4.47
N ASN A 46 -24.59 -23.93 4.56
CA ASN A 46 -25.05 -24.79 5.65
C ASN A 46 -24.85 -26.24 5.24
N THR A 47 -23.61 -26.71 5.40
CA THR A 47 -23.26 -28.07 5.05
C THR A 47 -21.97 -28.46 5.77
N LEU A 48 -21.73 -29.76 5.84
CA LEU A 48 -20.48 -30.32 6.34
C LEU A 48 -19.65 -30.97 5.25
N GLN A 49 -20.09 -30.87 3.99
CA GLN A 49 -19.38 -31.52 2.90
C GLN A 49 -18.15 -30.71 2.52
N PRO A 50 -16.95 -31.29 2.58
CA PRO A 50 -15.76 -30.54 2.15
C PRO A 50 -15.81 -30.26 0.66
N GLY A 51 -15.44 -29.03 0.29
CA GLY A 51 -15.39 -28.62 -1.10
C GLY A 51 -16.70 -28.10 -1.67
N CYS A 52 -17.80 -28.21 -0.92
CA CYS A 52 -19.08 -27.70 -1.42
C CYS A 52 -19.09 -26.19 -1.48
N LYS A 53 -18.40 -25.53 -0.54
CA LYS A 53 -18.34 -24.07 -0.55
C LYS A 53 -17.64 -23.55 -1.80
N ASN A 54 -16.55 -24.19 -2.22
CA ASN A 54 -15.81 -23.72 -3.38
C ASN A 54 -16.63 -23.83 -4.66
N VAL A 55 -17.34 -24.95 -4.85
CA VAL A 55 -18.05 -25.16 -6.11
C VAL A 55 -19.27 -24.26 -6.20
N CYS A 56 -19.94 -24.00 -5.07
CA CYS A 56 -21.16 -23.20 -5.10
C CYS A 56 -20.84 -21.73 -5.38
N TYR A 57 -19.79 -21.20 -4.76
CA TYR A 57 -19.39 -19.83 -5.05
C TYR A 57 -18.97 -19.67 -6.50
N ASP A 58 -18.23 -20.63 -7.02
CA ASP A 58 -17.82 -20.58 -8.42
C ASP A 58 -19.01 -20.68 -9.36
N HIS A 59 -19.99 -21.50 -9.00
CA HIS A 59 -21.15 -21.68 -9.87
C HIS A 59 -21.96 -20.40 -10.00
N TYR A 60 -22.18 -19.70 -8.88
CA TYR A 60 -23.02 -18.51 -8.89
C TYR A 60 -22.26 -17.23 -9.15
N PHE A 61 -20.93 -17.24 -9.05
CA PHE A 61 -20.10 -16.08 -9.34
C PHE A 61 -18.95 -16.50 -10.26
N PRO A 62 -19.25 -16.75 -11.54
CA PRO A 62 -18.18 -17.12 -12.47
C PRO A 62 -17.10 -16.06 -12.59
N ILE A 63 -17.47 -14.78 -12.52
CA ILE A 63 -16.52 -13.67 -12.50
C ILE A 63 -17.10 -12.57 -11.62
N SER A 64 -16.26 -11.96 -10.79
CA SER A 64 -16.73 -10.96 -9.85
C SER A 64 -17.21 -9.71 -10.58
N HIS A 65 -18.11 -8.98 -9.92
CA HIS A 65 -18.62 -7.74 -10.50
C HIS A 65 -17.52 -6.72 -10.71
N ILE A 66 -16.60 -6.60 -9.75
CA ILE A 66 -15.53 -5.62 -9.86
C ILE A 66 -14.61 -5.95 -11.03
N ARG A 67 -14.37 -7.24 -11.27
CA ARG A 67 -13.53 -7.64 -12.39
C ARG A 67 -14.18 -7.29 -13.72
N LEU A 68 -15.49 -7.50 -13.83
CA LEU A 68 -16.19 -7.13 -15.06
C LEU A 68 -16.14 -5.63 -15.30
N TRP A 69 -16.32 -4.83 -14.25
CA TRP A 69 -16.23 -3.38 -14.39
C TRP A 69 -14.81 -2.96 -14.75
N ALA A 70 -13.81 -3.61 -14.17
CA ALA A 70 -12.42 -3.30 -14.51
C ALA A 70 -12.14 -3.60 -15.98
N LEU A 71 -12.64 -4.73 -16.47
CA LEU A 71 -12.47 -5.06 -17.89
C LEU A 71 -13.22 -4.07 -18.77
N GLN A 72 -14.42 -3.67 -18.37
CA GLN A 72 -15.21 -2.74 -19.17
C GLN A 72 -14.52 -1.39 -19.31
N LEU A 73 -13.95 -0.87 -18.22
CA LEU A 73 -13.28 0.42 -18.27
C LEU A 73 -12.06 0.37 -19.18
N ILE A 74 -11.30 -0.72 -19.13
CA ILE A 74 -10.12 -0.85 -19.99
C ILE A 74 -10.52 -0.91 -21.45
N PHE A 75 -11.58 -1.67 -21.76
CA PHE A 75 -12.00 -1.81 -23.15
C PHE A 75 -12.50 -0.49 -23.73
N VAL A 76 -13.26 0.28 -22.94
CA VAL A 76 -13.80 1.54 -23.45
C VAL A 76 -12.78 2.66 -23.46
N SER A 77 -11.65 2.50 -22.77
CA SER A 77 -10.59 3.50 -22.78
C SER A 77 -9.52 3.22 -23.83
N THR A 78 -9.61 2.11 -24.55
CA THR A 78 -8.62 1.75 -25.55
C THR A 78 -8.81 2.52 -26.86
N PRO A 79 -10.04 2.71 -27.37
CA PRO A 79 -10.18 3.55 -28.58
C PRO A 79 -9.66 4.96 -28.39
N ALA A 80 -9.84 5.54 -27.20
CA ALA A 80 -9.30 6.86 -26.93
C ALA A 80 -7.78 6.85 -26.95
N LEU A 81 -7.17 5.81 -26.37
CA LEU A 81 -5.71 5.71 -26.40
C LEU A 81 -5.18 5.52 -27.81
N LEU A 82 -5.89 4.73 -28.62
CA LEU A 82 -5.45 4.49 -30.00
C LEU A 82 -5.50 5.78 -30.82
N VAL A 83 -6.54 6.60 -30.61
CA VAL A 83 -6.64 7.86 -31.35
C VAL A 83 -5.48 8.78 -30.99
N ALA A 84 -5.14 8.86 -29.70
CA ALA A 84 -4.03 9.71 -29.29
C ALA A 84 -2.71 9.26 -29.92
N MET A 85 -2.48 7.95 -29.96
CA MET A 85 -1.28 7.45 -30.64
C MET A 85 -1.34 7.69 -32.14
N HIS A 86 -2.52 7.54 -32.73
CA HIS A 86 -2.66 7.71 -34.17
C HIS A 86 -2.37 9.15 -34.60
N VAL A 87 -2.94 10.12 -33.87
CA VAL A 87 -2.72 11.52 -34.24
C VAL A 87 -1.29 11.93 -33.98
N ALA A 88 -0.67 11.39 -32.92
CA ALA A 88 0.73 11.68 -32.64
C ALA A 88 1.63 11.14 -33.75
N TYR A 89 1.31 9.95 -34.27
CA TYR A 89 2.08 9.39 -35.38
C TYR A 89 1.98 10.27 -36.62
N ARG A 90 0.78 10.76 -36.93
CA ARG A 90 0.62 11.62 -38.09
C ARG A 90 1.23 12.99 -37.86
N ARG A 91 1.06 13.54 -36.65
CA ARG A 91 1.62 14.86 -36.35
C ARG A 91 3.13 14.85 -36.40
N HIS A 92 3.75 13.79 -35.87
CA HIS A 92 5.22 13.74 -35.83
C HIS A 92 5.80 13.71 -37.23
N GLU A 93 5.20 12.96 -38.14
CA GLU A 93 5.68 12.89 -39.51
C GLU A 93 4.99 13.94 -40.38
N GLU A 94 -8.77 15.66 -43.59
CA GLU A 94 -10.06 15.63 -42.93
C GLU A 94 -10.56 14.20 -42.81
N GLY A 95 -10.50 13.45 -43.92
CA GLY A 95 -11.02 12.09 -43.91
C GLY A 95 -10.28 11.18 -42.95
N SER A 96 -8.95 11.31 -42.89
CA SER A 96 -8.17 10.44 -42.01
C SER A 96 -8.55 10.64 -40.55
N LEU A 97 -8.71 11.90 -40.12
CA LEU A 97 -9.08 12.16 -38.74
C LEU A 97 -10.56 11.86 -38.49
N TRP A 98 -11.43 12.17 -39.46
CA TRP A 98 -12.86 12.01 -39.25
C TRP A 98 -13.24 10.54 -39.11
N TRP A 99 -12.72 9.69 -40.01
CA TRP A 99 -13.08 8.28 -39.98
C TRP A 99 -12.60 7.60 -38.71
N THR A 100 -11.38 7.92 -38.25
CA THR A 100 -10.87 7.34 -37.03
C THR A 100 -11.70 7.77 -35.82
N TYR A 101 -12.10 9.05 -35.79
CA TYR A 101 -12.86 9.57 -34.65
C TYR A 101 -14.25 8.94 -34.59
N THR A 102 -14.94 8.89 -35.73
CA THR A 102 -16.30 8.36 -35.73
C THR A 102 -16.31 6.86 -35.47
N SER A 103 -15.22 6.17 -35.82
CA SER A 103 -15.14 4.74 -35.56
C SER A 103 -14.86 4.47 -34.07
N SER A 104 -14.04 5.32 -33.45
CA SER A 104 -13.69 5.11 -32.04
C SER A 104 -14.91 5.20 -31.15
N ILE A 105 -15.78 6.18 -31.38
CA ILE A 105 -16.99 6.29 -30.57
C ILE A 105 -17.94 5.13 -30.87
N PHE A 106 -17.91 4.60 -32.10
CA PHE A 106 -18.76 3.47 -32.43
C PHE A 106 -18.35 2.23 -31.64
N PHE A 107 -17.04 2.02 -31.47
CA PHE A 107 -16.58 0.88 -30.69
C PHE A 107 -16.93 1.02 -29.22
N ARG A 108 -16.97 2.26 -28.71
CA ARG A 108 -17.35 2.46 -27.31
C ARG A 108 -18.80 2.09 -27.07
N VAL A 109 -19.67 2.36 -28.04
CA VAL A 109 -21.10 2.05 -27.87
C VAL A 109 -21.32 0.55 -27.75
N ILE A 110 -20.71 -0.23 -28.65
CA ILE A 110 -20.91 -1.67 -28.62
C ILE A 110 -20.23 -2.28 -27.39
N PHE A 111 -19.08 -1.74 -27.00
CA PHE A 111 -18.41 -2.24 -25.79
C PHE A 111 -19.26 -2.00 -24.55
N GLU A 112 -19.87 -0.81 -24.44
CA GLU A 112 -20.75 -0.54 -23.32
C GLU A 112 -21.98 -1.45 -23.34
N ALA A 113 -22.56 -1.65 -24.53
CA ALA A 113 -23.73 -2.49 -24.64
C ALA A 113 -23.40 -3.96 -24.35
N ALA A 114 -22.24 -4.42 -24.81
CA ALA A 114 -21.87 -5.82 -24.61
C ALA A 114 -21.71 -6.15 -23.13
N PHE A 115 -20.93 -5.34 -22.41
CA PHE A 115 -20.73 -5.60 -20.99
C PHE A 115 -22.03 -5.44 -20.20
N MET A 116 -22.85 -4.45 -20.56
CA MET A 116 -24.13 -4.29 -19.91
C MET A 116 -25.03 -5.49 -20.16
N TYR A 117 -25.00 -6.04 -21.38
CA TYR A 117 -25.76 -7.24 -21.67
C TYR A 117 -25.24 -8.44 -20.87
N VAL A 118 -23.91 -8.55 -20.73
CA VAL A 118 -23.33 -9.66 -20.00
C VAL A 118 -23.76 -9.64 -18.54
N PHE A 119 -23.83 -8.44 -17.95
CA PHE A 119 -24.27 -8.33 -16.56
C PHE A 119 -25.68 -8.86 -16.37
N TYR A 120 -26.57 -8.57 -17.30
CA TYR A 120 -27.98 -8.96 -17.15
C TYR A 120 -28.14 -10.48 -17.26
N VAL A 121 -27.54 -11.08 -18.29
CA VAL A 121 -27.75 -12.51 -18.51
C VAL A 121 -27.03 -13.35 -17.45
N MET A 122 -25.82 -12.94 -17.08
CA MET A 122 -25.02 -13.75 -16.15
C MET A 122 -25.65 -13.78 -14.76
N TYR A 123 -26.14 -12.64 -14.28
CA TYR A 123 -26.66 -12.54 -12.92
C TYR A 123 -28.17 -12.39 -12.87
N ASP A 124 -28.88 -12.66 -13.98
CA ASP A 124 -30.34 -12.60 -14.06
C ASP A 124 -30.92 -11.40 -13.30
N GLY A 125 -30.47 -10.21 -13.68
CA GLY A 125 -30.91 -8.98 -13.06
C GLY A 125 -29.79 -8.29 -12.30
N PHE A 126 -30.10 -7.09 -11.84
CA PHE A 126 -29.14 -6.24 -11.13
C PHE A 126 -29.31 -6.31 -9.61
N SER A 127 -30.14 -7.21 -9.12
CA SER A 127 -30.38 -7.36 -7.69
C SER A 127 -29.73 -8.66 -7.20
N MET A 128 -28.98 -8.57 -6.11
CA MET A 128 -28.29 -9.73 -5.55
C MET A 128 -29.10 -10.29 -4.38
N GLN A 129 -29.28 -11.61 -4.38
CA GLN A 129 -30.10 -12.25 -3.37
C GLN A 129 -29.27 -12.65 -2.16
N ARG A 130 -29.93 -12.68 -0.99
CA ARG A 130 -29.28 -13.12 0.23
C ARG A 130 -29.00 -14.62 0.20
N LEU A 131 -29.94 -15.40 -0.34
CA LEU A 131 -29.88 -16.85 -0.31
C LEU A 131 -29.72 -17.39 -1.72
N VAL A 132 -28.81 -18.34 -1.89
CA VAL A 132 -28.63 -19.06 -3.14
C VAL A 132 -28.70 -20.55 -2.86
N LYS A 133 -29.44 -21.29 -3.68
CA LYS A 133 -29.60 -22.72 -3.53
C LYS A 133 -28.68 -23.44 -4.51
N CYS A 134 -27.84 -24.33 -4.00
CA CYS A 134 -26.77 -24.95 -4.77
C CYS A 134 -26.89 -26.46 -4.70
N ASN A 135 -26.82 -27.11 -5.86
CA ASN A 135 -26.93 -28.57 -5.93
C ASN A 135 -25.82 -29.19 -6.77
N ALA A 136 -24.74 -28.45 -7.03
CA ALA A 136 -23.64 -28.99 -7.82
C ALA A 136 -22.83 -29.98 -7.00
N TRP A 137 -22.23 -30.95 -7.68
CA TRP A 137 -21.38 -31.92 -7.02
C TRP A 137 -20.19 -31.21 -6.39
N PRO A 138 -19.72 -31.64 -5.20
CA PRO A 138 -20.18 -32.79 -4.40
C PRO A 138 -21.20 -32.46 -3.32
N CYS A 139 -21.91 -31.34 -3.45
CA CYS A 139 -22.90 -30.96 -2.44
C CYS A 139 -24.05 -31.96 -2.45
N PRO A 140 -24.40 -32.54 -1.30
CA PRO A 140 -25.52 -33.50 -1.28
C PRO A 140 -26.86 -32.78 -1.38
N ASN A 141 -27.69 -33.23 -2.31
CA ASN A 141 -29.04 -32.68 -2.54
C ASN A 141 -28.89 -31.19 -2.83
N THR A 142 -29.62 -30.31 -2.14
CA THR A 142 -29.52 -28.87 -2.34
C THR A 142 -29.03 -28.24 -1.04
N VAL A 143 -28.05 -27.35 -1.15
CA VAL A 143 -27.41 -26.74 0.01
C VAL A 143 -27.67 -25.24 -0.02
N ASP A 144 -28.10 -24.69 1.11
CA ASP A 144 -28.33 -23.26 1.24
C ASP A 144 -27.02 -22.54 1.52
N CYS A 145 -26.75 -21.49 0.74
CA CYS A 145 -25.57 -20.66 0.93
C CYS A 145 -26.00 -19.20 1.00
N PHE A 146 -25.22 -18.41 1.72
CA PHE A 146 -25.57 -17.02 1.99
C PHE A 146 -24.47 -16.10 1.48
N VAL A 147 -24.88 -15.01 0.83
CA VAL A 147 -23.96 -14.05 0.21
C VAL A 147 -23.60 -12.97 1.22
N SER A 148 -22.40 -12.41 1.07
CA SER A 148 -21.92 -11.34 1.94
C SER A 148 -22.28 -9.98 1.35
N ARG A 149 -22.86 -9.12 2.17
CA ARG A 149 -23.24 -7.76 1.79
C ARG A 149 -24.08 -7.71 0.50
N PRO A 150 -25.20 -8.44 0.44
CA PRO A 150 -26.01 -8.39 -0.78
C PRO A 150 -26.62 -7.03 -1.06
N THR A 151 -27.01 -6.27 -0.03
CA THR A 151 -27.67 -4.99 -0.28
C THR A 151 -26.68 -3.94 -0.77
N GLU A 152 -25.51 -3.86 -0.14
CA GLU A 152 -24.53 -2.86 -0.53
C GLU A 152 -24.03 -3.09 -1.96
N LYS A 153 -23.83 -4.36 -2.33
CA LYS A 153 -23.43 -4.66 -3.70
C LYS A 153 -24.53 -4.32 -4.70
N THR A 154 -25.80 -4.46 -4.29
CA THR A 154 -26.90 -4.07 -5.17
C THR A 154 -26.90 -2.57 -5.42
N VAL A 155 -26.62 -1.77 -4.40
CA VAL A 155 -26.62 -0.32 -4.54
C VAL A 155 -25.56 0.12 -5.55
N PHE A 156 -24.35 -0.44 -5.44
CA PHE A 156 -23.29 -0.09 -6.37
C PHE A 156 -23.54 -0.66 -7.76
N THR A 157 -24.19 -1.83 -7.86
CA THR A 157 -24.49 -2.41 -9.16
C THR A 157 -25.45 -1.53 -9.94
N VAL A 158 -26.51 -1.05 -9.28
CA VAL A 158 -27.45 -0.14 -9.93
C VAL A 158 -26.76 1.17 -10.27
N PHE A 159 -25.88 1.64 -9.39
CA PHE A 159 -25.19 2.91 -9.62
C PHE A 159 -24.29 2.82 -10.85
N MET A 160 -23.53 1.73 -10.97
CA MET A 160 -22.63 1.57 -12.11
C MET A 160 -23.40 1.40 -13.41
N ILE A 161 -24.50 0.65 -13.39
CA ILE A 161 -25.28 0.44 -14.61
C ILE A 161 -25.90 1.75 -15.08
N ALA A 162 -26.44 2.54 -14.16
CA ALA A 162 -27.09 3.79 -14.54
C ALA A 162 -26.11 4.76 -15.19
N VAL A 163 -24.90 4.89 -14.63
CA VAL A 163 -23.91 5.78 -15.20
C VAL A 163 -23.47 5.28 -16.58
N SER A 164 -23.28 3.96 -16.73
CA SER A 164 -22.91 3.40 -18.02
C SER A 164 -24.00 3.63 -19.06
N GLY A 165 -25.27 3.53 -18.67
CA GLY A 165 -26.36 3.83 -19.57
C GLY A 165 -26.41 5.28 -20.02
N ILE A 166 -26.04 6.20 -19.14
CA ILE A 166 -25.95 7.61 -19.52
C ILE A 166 -24.86 7.83 -20.56
N CYS A 167 -23.70 7.17 -20.38
CA CYS A 167 -22.63 7.29 -21.34
C CYS A 167 -23.00 6.77 -22.71
N ILE A 168 -23.88 5.76 -22.78
CA ILE A 168 -24.35 5.26 -24.07
C ILE A 168 -25.15 6.35 -24.79
N LEU A 169 -26.03 7.03 -24.06
CA LEU A 169 -26.86 8.07 -24.67
C LEU A 169 -26.01 9.21 -25.21
N LEU A 170 -24.99 9.62 -24.45
CA LEU A 170 -24.12 10.70 -24.91
C LEU A 170 -23.39 10.32 -26.19
N ASN A 171 -22.90 9.08 -26.27
CA ASN A 171 -22.23 8.63 -27.48
C ASN A 171 -23.19 8.53 -28.65
N VAL A 172 -24.44 8.11 -28.39
CA VAL A 172 -25.43 8.03 -29.45
C VAL A 172 -25.72 9.43 -30.01
N THR A 173 -25.90 10.41 -29.12
CA THR A 173 -26.10 11.79 -29.58
C THR A 173 -24.85 12.33 -30.26
N GLU A 174 -23.67 11.85 -29.88
CA GLU A 174 -22.45 12.26 -30.56
C GLU A 174 -22.46 11.83 -32.02
N LEU A 175 -22.95 10.62 -32.30
CA LEU A 175 -23.09 10.16 -33.68
C LEU A 175 -24.10 11.02 -34.43
N CYS A 176 -25.17 11.43 -33.75
CA CYS A 176 -26.21 12.23 -34.41
C CYS A 176 -25.66 13.57 -34.89
N TYR A 177 -24.81 14.21 -34.07
CA TYR A 177 -24.23 15.48 -34.48
C TYR A 177 -23.40 15.34 -35.75
N LEU A 178 -22.58 14.29 -35.82
CA LEU A 178 -21.74 14.09 -37.00
C LEU A 178 -22.57 13.58 -38.18
N LEU A 179 -23.63 12.81 -37.92
CA LEU A 179 -24.45 12.27 -39.00
C LEU A 179 -25.11 13.38 -39.80
N ILE A 180 -25.72 14.35 -39.12
CA ILE A 180 -26.44 15.41 -39.83
C ILE A 180 -25.47 16.36 -40.52
N ARG A 181 -24.32 16.62 -39.89
CA ARG A 181 -23.36 17.56 -40.46
C ARG A 181 -22.64 16.95 -41.66
N TYR A 182 -22.45 15.64 -41.66
CA TYR A 182 -21.70 14.93 -42.71
C TYR A 182 -20.30 15.51 -42.87
N ILE B 1 -3.83 19.96 -8.43
CA ILE B 1 -5.13 19.33 -8.22
C ILE B 1 -6.13 20.36 -7.69
N LEU B 2 -6.00 20.70 -6.40
CA LEU B 2 -6.88 21.67 -5.80
C LEU B 2 -6.56 23.09 -6.26
N GLY B 3 -5.35 23.31 -6.79
CA GLY B 3 -4.98 24.65 -7.23
C GLY B 3 -5.84 25.17 -8.36
N GLY B 4 -6.14 24.33 -9.34
CA GLY B 4 -6.97 24.73 -10.46
C GLY B 4 -8.39 25.11 -10.07
N VAL B 5 -8.99 24.29 -9.21
CA VAL B 5 -10.36 24.55 -8.77
C VAL B 5 -10.46 25.67 -7.76
N ASN B 6 -9.33 26.09 -7.17
CA ASN B 6 -9.34 27.14 -6.15
C ASN B 6 -9.59 28.52 -6.75
N LYS B 7 -9.58 28.66 -8.07
CA LYS B 7 -9.71 29.96 -8.70
C LYS B 7 -11.16 30.29 -9.00
N HIS B 8 -11.42 31.60 -9.18
CA HIS B 8 -12.74 32.11 -9.57
C HIS B 8 -13.81 31.71 -8.55
N SER B 9 -13.63 32.23 -7.33
CA SER B 9 -14.57 32.00 -6.25
C SER B 9 -14.74 33.27 -5.44
N THR B 10 -15.85 33.35 -4.71
CA THR B 10 -16.19 34.55 -3.95
C THR B 10 -15.43 34.59 -2.63
N SER B 11 -15.79 35.53 -1.74
CA SER B 11 -15.04 35.79 -0.52
C SER B 11 -14.94 34.56 0.38
N ILE B 12 -16.07 33.91 0.67
CA ILE B 12 -16.08 32.80 1.62
C ILE B 12 -15.96 31.47 0.88
N GLY B 13 -16.42 31.43 -0.37
CA GLY B 13 -16.33 30.20 -1.14
C GLY B 13 -14.92 29.84 -1.55
N LYS B 14 -14.02 30.81 -1.62
CA LYS B 14 -12.66 30.54 -2.05
C LYS B 14 -11.81 29.92 -0.95
N ILE B 15 -12.10 30.24 0.31
CA ILE B 15 -11.25 29.85 1.44
C ILE B 15 -11.98 28.87 2.36
N TRP B 16 -13.10 29.30 2.95
CA TRP B 16 -13.75 28.48 3.97
C TRP B 16 -14.36 27.21 3.39
N LEU B 17 -15.03 27.32 2.25
CA LEU B 17 -15.62 26.15 1.63
C LEU B 17 -14.58 25.16 1.12
N THR B 18 -13.36 25.62 0.84
CA THR B 18 -12.33 24.73 0.34
C THR B 18 -11.64 23.98 1.49
N VAL B 19 -11.31 24.67 2.58
CA VAL B 19 -10.62 24.02 3.68
C VAL B 19 -11.53 23.01 4.37
N LEU B 20 -12.82 23.32 4.49
CA LEU B 20 -13.76 22.37 5.07
C LEU B 20 -13.90 21.12 4.21
N PHE B 21 -13.91 21.29 2.88
CA PHE B 21 -13.95 20.13 2.00
C PHE B 21 -12.69 19.29 2.16
N ILE B 22 -11.52 19.92 2.25
CA ILE B 22 -10.30 19.19 2.56
C ILE B 22 -10.36 18.61 3.97
N PHE B 23 -11.00 19.33 4.90
CA PHE B 23 -11.10 18.85 6.28
C PHE B 23 -11.86 17.53 6.34
N ARG B 24 -12.97 17.43 5.61
CA ARG B 24 -13.75 16.19 5.62
C ARG B 24 -12.99 15.05 4.97
N ILE B 25 -12.24 15.33 3.90
CA ILE B 25 -11.48 14.29 3.22
C ILE B 25 -10.42 13.70 4.15
N MET B 26 -9.71 14.57 4.86
CA MET B 26 -8.64 14.10 5.75
C MET B 26 -9.18 13.20 6.86
N ILE B 27 -10.33 13.57 7.44
CA ILE B 27 -10.92 12.75 8.49
C ILE B 27 -11.27 11.38 7.96
N LEU B 28 -11.75 11.31 6.72
CA LEU B 28 -12.24 10.05 6.15
C LEU B 28 -11.11 9.08 5.88
N VAL B 29 -9.99 9.56 5.33
CA VAL B 29 -8.97 8.65 4.82
C VAL B 29 -8.02 8.19 5.93
N VAL B 30 -7.53 9.13 6.75
CA VAL B 30 -6.50 8.77 7.71
C VAL B 30 -7.07 8.30 9.04
N ALA B 31 -8.31 8.63 9.36
CA ALA B 31 -8.90 8.29 10.65
C ALA B 31 -10.11 7.37 10.53
N ALA B 32 -11.09 7.74 9.70
CA ALA B 32 -12.37 7.03 9.69
C ALA B 32 -12.29 5.65 9.05
N LYS B 33 -11.45 5.48 8.04
CA LYS B 33 -11.45 4.22 7.29
C LYS B 33 -11.03 3.02 8.12
N GLU B 34 -10.04 3.18 9.00
CA GLU B 34 -9.60 2.07 9.84
C GLU B 34 -10.55 1.77 10.99
N VAL B 35 -11.45 2.69 11.32
CA VAL B 35 -12.45 2.42 12.34
C VAL B 35 -13.48 1.41 11.83
N TRP B 36 -13.87 1.52 10.56
CA TRP B 36 -14.84 0.63 9.95
C TRP B 36 -14.21 -0.58 9.28
N GLY B 37 -12.92 -0.83 9.53
CA GLY B 37 -12.25 -1.94 8.87
C GLY B 37 -12.83 -3.29 9.25
N ASP B 38 -13.13 -3.48 10.53
CA ASP B 38 -13.65 -4.75 11.05
C ASP B 38 -15.13 -4.67 11.36
N GLU B 39 -15.90 -3.98 10.50
CA GLU B 39 -17.32 -3.80 10.76
C GLU B 39 -18.07 -5.14 10.75
N GLN B 40 -17.73 -6.02 9.81
CA GLN B 40 -18.38 -7.31 9.72
C GLN B 40 -17.59 -8.43 10.37
N ALA B 41 -16.26 -8.32 10.41
CA ALA B 41 -15.44 -9.36 11.02
C ALA B 41 -15.71 -9.50 12.51
N ASP B 42 -15.90 -8.39 13.22
CA ASP B 42 -16.14 -8.40 14.66
C ASP B 42 -17.63 -8.32 15.00
N PHE B 43 -18.51 -8.42 14.01
CA PHE B 43 -19.93 -8.46 14.27
C PHE B 43 -20.30 -9.83 14.84
N VAL B 44 -20.78 -9.86 16.07
CA VAL B 44 -21.00 -11.11 16.80
C VAL B 44 -22.48 -11.25 17.12
N CYS B 45 -23.04 -12.41 16.81
CA CYS B 45 -24.42 -12.74 17.13
C CYS B 45 -24.47 -13.97 18.02
N ASN B 46 -25.39 -13.97 18.98
CA ASN B 46 -25.54 -15.07 19.93
C ASN B 46 -26.51 -16.10 19.34
N THR B 47 -25.97 -16.92 18.44
CA THR B 47 -26.78 -17.95 17.80
C THR B 47 -25.86 -19.01 17.22
N LEU B 48 -26.44 -20.18 16.92
CA LEU B 48 -25.76 -21.25 16.23
C LEU B 48 -26.30 -21.47 14.82
N GLN B 49 -27.21 -20.61 14.37
CA GLN B 49 -27.82 -20.79 13.05
C GLN B 49 -26.86 -20.31 11.96
N PRO B 50 -26.47 -21.18 11.03
CA PRO B 50 -25.60 -20.72 9.93
C PRO B 50 -26.31 -19.70 9.05
N GLY B 51 -25.60 -18.64 8.68
CA GLY B 51 -26.14 -17.62 7.81
C GLY B 51 -26.90 -16.52 8.52
N CYS B 52 -27.16 -16.65 9.81
CA CYS B 52 -27.89 -15.60 10.52
C CYS B 52 -27.03 -14.34 10.67
N LYS B 53 -25.72 -14.51 10.82
CA LYS B 53 -24.84 -13.35 10.95
C LYS B 53 -24.85 -12.50 9.69
N ASN B 54 -24.85 -13.14 8.52
CA ASN B 54 -24.82 -12.38 7.25
C ASN B 54 -26.08 -11.56 7.07
N VAL B 55 -27.25 -12.15 7.34
CA VAL B 55 -28.50 -11.45 7.06
C VAL B 55 -28.72 -10.31 8.05
N CYS B 56 -28.31 -10.49 9.30
CA CYS B 56 -28.54 -9.45 10.31
C CYS B 56 -27.68 -8.23 10.06
N TYR B 57 -26.40 -8.45 9.71
CA TYR B 57 -25.53 -7.32 9.40
C TYR B 57 -26.03 -6.57 8.17
N ASP B 58 -26.48 -7.30 7.15
CA ASP B 58 -27.01 -6.67 5.95
C ASP B 58 -28.29 -5.90 6.25
N HIS B 59 -29.13 -6.44 7.14
CA HIS B 59 -30.40 -5.79 7.45
C HIS B 59 -30.18 -4.45 8.14
N TYR B 60 -29.26 -4.40 9.10
CA TYR B 60 -29.05 -3.19 9.88
C TYR B 60 -28.01 -2.25 9.27
N PHE B 61 -27.20 -2.72 8.32
CA PHE B 61 -26.21 -1.90 7.64
C PHE B 61 -26.33 -2.11 6.14
N PRO B 62 -27.38 -1.56 5.52
CA PRO B 62 -27.52 -1.70 4.06
C PRO B 62 -26.36 -1.11 3.29
N ILE B 63 -25.78 -0.01 3.78
CA ILE B 63 -24.58 0.58 3.20
C ILE B 63 -23.76 1.18 4.33
N SER B 64 -22.45 0.99 4.29
CA SER B 64 -21.59 1.44 5.37
C SER B 64 -21.55 2.97 5.41
N HIS B 65 -21.25 3.49 6.61
CA HIS B 65 -21.16 4.95 6.77
C HIS B 65 -20.04 5.54 5.93
N ILE B 66 -18.90 4.85 5.85
CA ILE B 66 -17.78 5.38 5.08
C ILE B 66 -18.11 5.42 3.60
N ARG B 67 -18.87 4.44 3.11
CA ARG B 67 -19.26 4.44 1.71
C ARG B 67 -20.20 5.60 1.39
N LEU B 68 -21.14 5.90 2.30
CA LEU B 68 -22.02 7.03 2.10
C LEU B 68 -21.25 8.35 2.08
N TRP B 69 -20.28 8.50 2.99
CA TRP B 69 -19.46 9.71 2.99
C TRP B 69 -18.61 9.81 1.73
N ALA B 70 -18.08 8.68 1.26
CA ALA B 70 -17.31 8.68 0.03
C ALA B 70 -18.17 9.11 -1.15
N LEU B 71 -19.41 8.61 -1.23
CA LEU B 71 -20.31 9.02 -2.29
C LEU B 71 -20.66 10.50 -2.18
N GLN B 72 -20.88 10.98 -0.94
CA GLN B 72 -21.26 12.37 -0.74
C GLN B 72 -20.15 13.32 -1.20
N LEU B 73 -18.90 12.99 -0.88
CA LEU B 73 -17.79 13.86 -1.27
C LEU B 73 -17.63 13.91 -2.78
N ILE B 74 -17.81 12.78 -3.46
CA ILE B 74 -17.70 12.75 -4.92
C ILE B 74 -18.81 13.59 -5.55
N PHE B 75 -20.04 13.46 -5.04
CA PHE B 75 -21.17 14.18 -5.62
C PHE B 75 -21.01 15.70 -5.44
N VAL B 76 -20.54 16.14 -4.28
CA VAL B 76 -20.40 17.58 -4.02
C VAL B 76 -19.17 18.17 -4.69
N SER B 77 -18.22 17.35 -5.13
CA SER B 77 -17.04 17.83 -5.82
C SER B 77 -17.19 17.81 -7.34
N THR B 78 -18.30 17.31 -7.86
CA THR B 78 -18.53 17.25 -9.30
C THR B 78 -18.93 18.60 -9.90
N PRO B 79 -19.82 19.39 -9.27
CA PRO B 79 -20.10 20.72 -9.83
C PRO B 79 -18.87 21.60 -9.93
N ALA B 80 -17.96 21.51 -8.96
CA ALA B 80 -16.71 22.26 -9.04
C ALA B 80 -15.87 21.80 -10.22
N LEU B 81 -15.79 20.49 -10.45
CA LEU B 81 -15.03 19.97 -11.58
C LEU B 81 -15.66 20.39 -12.90
N LEU B 82 -16.98 20.38 -12.98
CA LEU B 82 -17.65 20.77 -14.21
C LEU B 82 -17.41 22.23 -14.54
N VAL B 83 -17.40 23.10 -13.53
CA VAL B 83 -17.15 24.52 -13.76
C VAL B 83 -15.74 24.73 -14.31
N ALA B 84 -14.76 24.02 -13.75
CA ALA B 84 -13.39 24.15 -14.23
C ALA B 84 -13.26 23.72 -15.68
N MET B 85 -13.92 22.62 -16.06
CA MET B 85 -13.91 22.19 -17.45
C MET B 85 -14.66 23.18 -18.33
N HIS B 86 -15.77 23.73 -17.82
CA HIS B 86 -16.58 24.65 -18.62
C HIS B 86 -15.82 25.93 -18.93
N VAL B 87 -15.15 26.51 -17.92
CA VAL B 87 -14.42 27.75 -18.15
C VAL B 87 -13.21 27.50 -19.04
N ALA B 88 -12.57 26.35 -18.89
CA ALA B 88 -11.43 26.01 -19.75
C ALA B 88 -11.88 25.87 -21.20
N TYR B 89 -13.06 25.29 -21.44
CA TYR B 89 -13.58 25.17 -22.79
C TYR B 89 -13.83 26.55 -23.40
N ARG B 90 -14.41 27.46 -22.63
CA ARG B 90 -14.67 28.81 -23.14
C ARG B 90 -13.37 29.60 -23.30
N ARG B 91 -12.46 29.46 -22.33
CA ARG B 91 -11.20 30.20 -22.40
C ARG B 91 -10.37 29.75 -23.60
N HIS B 92 -10.33 28.44 -23.86
CA HIS B 92 -9.50 27.93 -24.96
C HIS B 92 -9.98 28.46 -26.30
N GLU B 93 -11.29 28.51 -26.50
CA GLU B 93 -11.86 29.01 -27.75
C GLU B 93 -12.13 30.51 -27.66
N GLU B 94 -20.83 37.73 -19.01
CA GLU B 94 -21.21 37.76 -17.61
C GLU B 94 -22.26 36.69 -17.32
N GLY B 95 -23.30 36.64 -18.16
CA GLY B 95 -24.39 35.71 -17.93
C GLY B 95 -23.95 34.27 -17.99
N SER B 96 -23.08 33.93 -18.94
CA SER B 96 -22.63 32.55 -19.09
C SER B 96 -21.90 32.07 -17.84
N LEU B 97 -21.02 32.91 -17.30
CA LEU B 97 -20.28 32.52 -16.10
C LEU B 97 -21.15 32.60 -14.85
N TRP B 98 -22.02 33.61 -14.77
CA TRP B 98 -22.81 33.81 -13.56
C TRP B 98 -23.81 32.68 -13.36
N TRP B 99 -24.52 32.30 -14.43
CA TRP B 99 -25.54 31.26 -14.31
C TRP B 99 -24.94 29.91 -13.95
N THR B 100 -23.79 29.57 -14.54
CA THR B 100 -23.13 28.31 -14.22
C THR B 100 -22.66 28.30 -12.77
N TYR B 101 -22.12 29.42 -12.29
CA TYR B 101 -21.61 29.48 -10.93
C TYR B 101 -22.72 29.38 -9.90
N THR B 102 -23.81 30.13 -10.10
CA THR B 102 -24.90 30.12 -9.13
C THR B 102 -25.64 28.78 -9.15
N SER B 103 -25.62 28.09 -10.28
CA SER B 103 -26.25 26.77 -10.34
C SER B 103 -25.40 25.72 -9.65
N SER B 104 -24.07 25.83 -9.76
CA SER B 104 -23.19 24.83 -9.17
C SER B 104 -23.32 24.81 -7.65
N ILE B 105 -23.38 25.97 -7.02
CA ILE B 105 -23.54 26.03 -5.57
C ILE B 105 -24.93 25.54 -5.18
N PHE B 106 -25.93 25.73 -6.04
CA PHE B 106 -27.27 25.24 -5.75
C PHE B 106 -27.31 23.72 -5.71
N PHE B 107 -26.58 23.07 -6.61
CA PHE B 107 -26.54 21.61 -6.61
C PHE B 107 -25.81 21.08 -5.38
N ARG B 108 -24.81 21.82 -4.88
CA ARG B 108 -24.10 21.38 -3.69
C ARG B 108 -25.02 21.40 -2.47
N VAL B 109 -25.92 22.38 -2.39
CA VAL B 109 -26.81 22.48 -1.23
C VAL B 109 -27.74 21.28 -1.17
N ILE B 110 -28.38 20.94 -2.30
CA ILE B 110 -29.32 19.82 -2.29
C ILE B 110 -28.59 18.50 -2.11
N PHE B 111 -27.38 18.37 -2.67
CA PHE B 111 -26.59 17.16 -2.46
C PHE B 111 -26.23 16.97 -1.00
N GLU B 112 -25.81 18.04 -0.33
CA GLU B 112 -25.52 17.95 1.09
C GLU B 112 -26.77 17.62 1.90
N ALA B 113 -27.90 18.24 1.57
CA ALA B 113 -29.13 17.98 2.29
C ALA B 113 -29.63 16.56 2.05
N ALA B 114 -29.50 16.07 0.82
CA ALA B 114 -30.00 14.73 0.49
C ALA B 114 -29.25 13.65 1.28
N PHE B 115 -27.92 13.69 1.24
CA PHE B 115 -27.13 12.69 1.96
C PHE B 115 -27.33 12.81 3.47
N MET B 116 -27.42 14.04 3.98
CA MET B 116 -27.69 14.23 5.41
C MET B 116 -29.05 13.66 5.78
N TYR B 117 -30.05 13.84 4.91
CA TYR B 117 -31.36 13.26 5.16
C TYR B 117 -31.31 11.74 5.13
N VAL B 118 -30.53 11.16 4.19
CA VAL B 118 -30.43 9.71 4.08
C VAL B 118 -29.83 9.12 5.35
N PHE B 119 -28.83 9.80 5.92
CA PHE B 119 -28.21 9.31 7.15
C PHE B 119 -29.22 9.21 8.28
N TYR B 120 -30.09 10.21 8.41
CA TYR B 120 -31.04 10.23 9.52
C TYR B 120 -32.07 9.11 9.40
N VAL B 121 -32.69 8.99 8.22
CA VAL B 121 -33.77 8.01 8.06
C VAL B 121 -33.24 6.59 8.09
N MET B 122 -32.08 6.35 7.45
CA MET B 122 -31.58 4.98 7.34
C MET B 122 -31.16 4.43 8.69
N TYR B 123 -30.50 5.24 9.51
CA TYR B 123 -29.95 4.79 10.78
C TYR B 123 -30.70 5.33 11.99
N ASP B 124 -31.89 5.91 11.79
CA ASP B 124 -32.74 6.45 12.86
C ASP B 124 -31.93 7.19 13.92
N GLY B 125 -31.20 8.19 13.48
CA GLY B 125 -30.37 8.99 14.36
C GLY B 125 -28.89 8.82 14.06
N PHE B 126 -28.10 9.65 14.75
CA PHE B 126 -26.66 9.67 14.57
C PHE B 126 -25.92 8.89 15.65
N SER B 127 -26.64 8.16 16.49
CA SER B 127 -26.04 7.37 17.56
C SER B 127 -26.15 5.89 17.23
N MET B 128 -25.04 5.17 17.36
CA MET B 128 -25.00 3.75 17.06
C MET B 128 -25.11 2.94 18.35
N GLN B 129 -25.99 1.94 18.33
CA GLN B 129 -26.27 1.15 19.52
C GLN B 129 -25.32 -0.04 19.62
N ARG B 130 -25.05 -0.46 20.86
CA ARG B 130 -24.23 -1.64 21.08
C ARG B 130 -24.97 -2.92 20.68
N LEU B 131 -26.27 -2.98 20.96
CA LEU B 131 -27.06 -4.18 20.75
C LEU B 131 -28.11 -3.93 19.67
N VAL B 132 -28.24 -4.88 18.76
CA VAL B 132 -29.28 -4.87 17.74
C VAL B 132 -30.02 -6.20 17.80
N LYS B 133 -31.35 -6.14 17.74
CA LYS B 133 -32.20 -7.32 17.79
C LYS B 133 -32.66 -7.66 16.38
N CYS B 134 -32.40 -8.89 15.97
CA CYS B 134 -32.59 -9.32 14.59
C CYS B 134 -33.50 -10.54 14.54
N ASN B 135 -34.51 -10.48 13.67
CA ASN B 135 -35.48 -11.58 13.54
C ASN B 135 -35.69 -11.98 12.07
N ALA B 136 -34.78 -11.58 11.18
CA ALA B 136 -34.92 -11.94 9.78
C ALA B 136 -34.57 -13.42 9.56
N TRP B 137 -35.19 -14.01 8.56
CA TRP B 137 -34.89 -15.40 8.21
C TRP B 137 -33.43 -15.51 7.79
N PRO B 138 -32.73 -16.62 8.14
CA PRO B 138 -33.20 -17.81 8.86
C PRO B 138 -32.98 -17.78 10.37
N CYS B 139 -32.81 -16.61 10.96
CA CYS B 139 -32.57 -16.52 12.40
C CYS B 139 -33.81 -16.97 13.15
N PRO B 140 -33.70 -17.92 14.09
CA PRO B 140 -34.88 -18.35 14.83
C PRO B 140 -35.28 -17.32 15.88
N ASN B 141 -36.56 -16.95 15.86
CA ASN B 141 -37.14 -15.98 16.81
C ASN B 141 -36.34 -14.68 16.69
N THR B 142 -35.87 -14.10 17.79
CA THR B 142 -35.07 -12.88 17.76
C THR B 142 -33.67 -13.19 18.29
N VAL B 143 -32.65 -12.72 17.58
CA VAL B 143 -31.26 -13.01 17.89
C VAL B 143 -30.55 -11.72 18.26
N ASP B 144 -29.83 -11.73 19.36
CA ASP B 144 -29.05 -10.59 19.80
C ASP B 144 -27.72 -10.55 19.07
N CYS B 145 -27.39 -9.40 18.49
CA CYS B 145 -26.13 -9.18 17.81
C CYS B 145 -25.47 -7.91 18.35
N PHE B 146 -24.15 -7.88 18.31
CA PHE B 146 -23.38 -6.81 18.92
C PHE B 146 -22.51 -6.14 17.86
N VAL B 147 -22.47 -4.80 17.90
CA VAL B 147 -21.75 -4.00 16.91
C VAL B 147 -20.33 -3.76 17.41
N SER B 148 -19.40 -3.60 16.47
CA SER B 148 -18.00 -3.34 16.78
C SER B 148 -17.74 -1.84 16.83
N ARG B 149 -17.10 -1.39 17.91
CA ARG B 149 -16.75 0.01 18.11
C ARG B 149 -17.93 0.97 17.94
N PRO B 150 -19.03 0.75 18.68
CA PRO B 150 -20.17 1.66 18.52
C PRO B 150 -19.89 3.09 18.96
N THR B 151 -19.08 3.29 20.01
CA THR B 151 -18.84 4.64 20.51
C THR B 151 -17.95 5.43 19.57
N GLU B 152 -16.87 4.82 19.08
CA GLU B 152 -15.94 5.54 18.20
C GLU B 152 -16.62 5.93 16.89
N LYS B 153 -17.45 5.04 16.35
CA LYS B 153 -18.19 5.38 15.14
C LYS B 153 -19.19 6.50 15.38
N THR B 154 -19.77 6.57 16.58
CA THR B 154 -20.68 7.66 16.91
C THR B 154 -19.95 8.99 16.93
N VAL B 155 -18.72 9.02 17.47
CA VAL B 155 -17.96 10.26 17.54
C VAL B 155 -17.67 10.81 16.15
N PHE B 156 -17.25 9.93 15.23
CA PHE B 156 -16.98 10.38 13.87
C PHE B 156 -18.25 10.71 13.11
N THR B 157 -19.34 10.01 13.40
CA THR B 157 -20.62 10.31 12.73
C THR B 157 -21.09 11.71 13.08
N VAL B 158 -21.04 12.08 14.36
CA VAL B 158 -21.42 13.43 14.77
C VAL B 158 -20.46 14.45 14.19
N PHE B 159 -19.17 14.11 14.13
CA PHE B 159 -18.17 15.03 13.61
C PHE B 159 -18.41 15.32 12.13
N MET B 160 -18.68 14.27 11.34
CA MET B 160 -18.92 14.46 9.91
C MET B 160 -20.21 15.23 9.65
N ILE B 161 -21.27 14.94 10.41
CA ILE B 161 -22.53 15.64 10.21
C ILE B 161 -22.39 17.12 10.53
N ALA B 162 -21.70 17.45 11.62
CA ALA B 162 -21.56 18.85 12.02
C ALA B 162 -20.80 19.66 10.99
N VAL B 163 -19.72 19.10 10.44
CA VAL B 163 -18.96 19.81 9.42
C VAL B 163 -19.80 19.99 8.15
N SER B 164 -20.54 18.94 7.76
CA SER B 164 -21.40 19.05 6.58
C SER B 164 -22.48 20.10 6.78
N GLY B 165 -23.05 20.21 7.99
CA GLY B 165 -24.02 21.24 8.27
C GLY B 165 -23.45 22.64 8.20
N ILE B 166 -22.19 22.82 8.58
CA ILE B 166 -21.54 24.12 8.45
C ILE B 166 -21.38 24.50 6.98
N CYS B 167 -21.00 23.52 6.14
CA CYS B 167 -20.87 23.79 4.71
C CYS B 167 -22.19 24.19 4.07
N ILE B 168 -23.31 23.68 4.57
CA ILE B 168 -24.61 24.10 4.05
C ILE B 168 -24.85 25.58 4.34
N LEU B 169 -24.53 26.02 5.55
CA LEU B 169 -24.75 27.41 5.92
C LEU B 169 -23.90 28.35 5.06
N LEU B 170 -22.64 27.98 4.81
CA LEU B 170 -21.78 28.82 3.98
C LEU B 170 -22.33 28.95 2.57
N ASN B 171 -22.81 27.84 2.00
CA ASN B 171 -23.39 27.90 0.66
C ASN B 171 -24.67 28.71 0.64
N VAL B 172 -25.48 28.62 1.70
CA VAL B 172 -26.70 29.42 1.78
C VAL B 172 -26.37 30.90 1.82
N THR B 173 -25.38 31.29 2.63
CA THR B 173 -24.96 32.68 2.65
C THR B 173 -24.32 33.10 1.33
N GLU B 174 -23.71 32.16 0.62
CA GLU B 174 -23.15 32.46 -0.70
C GLU B 174 -24.26 32.86 -1.66
N LEU B 175 -25.40 32.18 -1.62
CA LEU B 175 -26.54 32.58 -2.44
C LEU B 175 -27.05 33.96 -2.05
N CYS B 176 -27.04 34.26 -0.75
CA CYS B 176 -27.54 35.56 -0.29
C CYS B 176 -26.71 36.71 -0.84
N TYR B 177 -25.38 36.55 -0.91
CA TYR B 177 -24.53 37.60 -1.46
C TYR B 177 -24.87 37.89 -2.91
N LEU B 178 -25.07 36.83 -3.70
CA LEU B 178 -25.39 37.02 -5.12
C LEU B 178 -26.83 37.48 -5.31
N LEU B 179 -27.73 37.05 -4.42
CA LEU B 179 -29.13 37.42 -4.54
C LEU B 179 -29.33 38.93 -4.42
N ILE B 180 -28.72 39.54 -3.40
CA ILE B 180 -28.92 40.97 -3.18
C ILE B 180 -28.20 41.78 -4.24
N ARG B 181 -27.04 41.32 -4.69
CA ARG B 181 -26.26 42.08 -5.68
C ARG B 181 -26.90 41.99 -7.06
N TYR B 182 -27.56 40.88 -7.36
CA TYR B 182 -28.14 40.62 -8.68
C TYR B 182 -27.11 40.74 -9.79
N ILE C 1 4.82 21.57 -0.09
CA ILE C 1 3.82 21.35 0.96
C ILE C 1 4.16 22.20 2.17
N LEU C 2 5.17 21.78 2.93
CA LEU C 2 5.58 22.53 4.11
C LEU C 2 6.34 23.80 3.74
N GLY C 3 6.84 23.89 2.51
CA GLY C 3 7.58 25.06 2.10
C GLY C 3 6.75 26.33 2.08
N GLY C 4 5.51 26.24 1.60
CA GLY C 4 4.64 27.40 1.56
C GLY C 4 4.27 27.92 2.93
N VAL C 5 3.93 27.02 3.85
CA VAL C 5 3.54 27.41 5.19
C VAL C 5 4.74 27.83 6.04
N ASN C 6 5.96 27.52 5.61
CA ASN C 6 7.15 27.86 6.39
C ASN C 6 7.48 29.34 6.37
N LYS C 7 6.80 30.12 5.53
CA LYS C 7 7.13 31.54 5.36
C LYS C 7 6.31 32.40 6.32
N HIS C 8 6.81 33.62 6.56
CA HIS C 8 6.14 34.63 7.37
C HIS C 8 5.88 34.11 8.79
N SER C 9 6.98 33.86 9.50
CA SER C 9 6.93 33.41 10.87
C SER C 9 8.04 34.07 11.68
N THR C 10 7.87 34.10 12.99
CA THR C 10 8.82 34.77 13.87
C THR C 10 10.04 33.90 14.15
N SER C 11 10.88 34.32 15.10
CA SER C 11 12.17 33.67 15.34
C SER C 11 12.03 32.19 15.69
N ILE C 12 11.17 31.87 16.66
CA ILE C 12 11.06 30.49 17.15
C ILE C 12 9.93 29.76 16.42
N GLY C 13 8.92 30.52 15.97
CA GLY C 13 7.82 29.89 15.27
C GLY C 13 8.17 29.37 13.89
N LYS C 14 9.22 29.92 13.28
CA LYS C 14 9.60 29.50 11.93
C LYS C 14 10.35 28.19 11.93
N ILE C 15 11.10 27.89 12.99
CA ILE C 15 11.99 26.74 13.02
C ILE C 15 11.54 25.70 14.04
N TRP C 16 11.49 26.09 15.33
CA TRP C 16 11.23 25.10 16.38
C TRP C 16 9.81 24.57 16.32
N LEU C 17 8.83 25.45 16.11
CA LEU C 17 7.44 25.01 16.03
C LEU C 17 7.18 24.15 14.80
N THR C 18 7.98 24.30 13.75
CA THR C 18 7.77 23.51 12.53
C THR C 18 8.39 22.12 12.65
N VAL C 19 9.60 22.02 13.18
CA VAL C 19 10.26 20.72 13.29
C VAL C 19 9.55 19.84 14.30
N LEU C 20 9.05 20.41 15.40
CA LEU C 20 8.29 19.64 16.37
C LEU C 20 6.99 19.12 15.78
N PHE C 21 6.32 19.94 14.96
CA PHE C 21 5.11 19.47 14.28
C PHE C 21 5.43 18.32 13.33
N ILE C 22 6.53 18.43 12.58
CA ILE C 22 6.98 17.31 11.76
C ILE C 22 7.42 16.15 12.64
N PHE C 23 8.01 16.44 13.80
CA PHE C 23 8.45 15.39 14.70
C PHE C 23 7.29 14.52 15.17
N ARG C 24 6.17 15.16 15.54
CA ARG C 24 5.00 14.40 15.99
C ARG C 24 4.40 13.57 14.85
N ILE C 25 4.38 14.12 13.64
CA ILE C 25 3.82 13.39 12.51
C ILE C 25 4.62 12.12 12.23
N MET C 26 5.95 12.23 12.25
CA MET C 26 6.80 11.08 11.95
C MET C 26 6.61 9.97 12.96
N ILE C 27 6.50 10.31 14.25
CA ILE C 27 6.28 9.29 15.28
C ILE C 27 4.96 8.57 15.05
N LEU C 28 3.94 9.30 14.60
CA LEU C 28 2.61 8.73 14.47
C LEU C 28 2.53 7.73 13.32
N VAL C 29 3.13 8.06 12.18
CA VAL C 29 2.90 7.26 10.96
C VAL C 29 3.81 6.05 10.91
N VAL C 30 5.11 6.24 11.16
CA VAL C 30 6.05 5.14 10.96
C VAL C 30 6.21 4.26 12.18
N ALA C 31 5.87 4.75 13.37
CA ALA C 31 6.07 3.99 14.60
C ALA C 31 4.78 3.68 15.34
N ALA C 32 3.95 4.69 15.59
CA ALA C 32 2.80 4.53 16.48
C ALA C 32 1.67 3.72 15.85
N LYS C 33 1.47 3.84 14.53
CA LYS C 33 0.30 3.21 13.91
C LYS C 33 0.33 1.69 13.99
N GLU C 34 1.49 1.07 13.82
CA GLU C 34 1.58 -0.38 13.88
C GLU C 34 1.52 -0.92 15.31
N VAL C 35 1.73 -0.07 16.31
CA VAL C 35 1.59 -0.51 17.70
C VAL C 35 0.12 -0.75 18.03
N TRP C 36 -0.77 0.11 17.53
CA TRP C 36 -2.20 0.01 17.78
C TRP C 36 -2.92 -0.82 16.72
N GLY C 37 -2.19 -1.54 15.87
CA GLY C 37 -2.84 -2.29 14.81
C GLY C 37 -3.73 -3.41 15.33
N ASP C 38 -3.28 -4.12 16.36
CA ASP C 38 -4.03 -5.25 16.93
C ASP C 38 -4.65 -4.88 18.27
N GLU C 39 -5.18 -3.65 18.39
CA GLU C 39 -5.75 -3.21 19.67
C GLU C 39 -6.95 -4.05 20.06
N GLN C 40 -7.81 -4.38 19.10
CA GLN C 40 -9.00 -5.18 19.38
C GLN C 40 -8.82 -6.66 19.06
N ALA C 41 -7.97 -7.00 18.09
CA ALA C 41 -7.76 -8.40 17.75
C ALA C 41 -7.13 -9.18 18.89
N ASP C 42 -6.19 -8.59 19.60
CA ASP C 42 -5.51 -9.26 20.71
C ASP C 42 -6.12 -8.92 22.07
N PHE C 43 -7.25 -8.22 22.09
CA PHE C 43 -7.95 -7.95 23.34
C PHE C 43 -8.63 -9.23 23.81
N VAL C 44 -8.21 -9.74 24.97
CA VAL C 44 -8.64 -11.04 25.46
C VAL C 44 -9.39 -10.86 26.77
N CYS C 45 -10.56 -11.47 26.87
CA CYS C 45 -11.37 -11.47 28.08
C CYS C 45 -11.60 -12.90 28.53
N ASN C 46 -11.57 -13.11 29.85
CA ASN C 46 -11.75 -14.44 30.44
C ASN C 46 -13.25 -14.66 30.68
N THR C 47 -13.94 -15.04 29.60
CA THR C 47 -15.37 -15.28 29.68
C THR C 47 -15.80 -16.12 28.48
N LEU C 48 -16.97 -16.74 28.61
CA LEU C 48 -17.61 -17.45 27.52
C LEU C 48 -18.86 -16.74 27.01
N GLN C 49 -19.15 -15.55 27.51
CA GLN C 49 -20.35 -14.82 27.11
C GLN C 49 -20.15 -14.19 25.74
N PRO C 50 -20.97 -14.51 24.74
CA PRO C 50 -20.84 -13.86 23.44
C PRO C 50 -21.16 -12.37 23.53
N GLY C 51 -20.35 -11.55 22.88
CA GLY C 51 -20.55 -10.12 22.84
C GLY C 51 -19.94 -9.36 24.00
N CYS C 52 -19.42 -10.05 25.03
CA CYS C 52 -18.82 -9.35 26.15
C CYS C 52 -17.51 -8.68 25.74
N LYS C 53 -16.76 -9.29 24.82
CA LYS C 53 -15.51 -8.69 24.37
C LYS C 53 -15.76 -7.35 23.67
N ASN C 54 -16.79 -7.27 22.84
CA ASN C 54 -17.06 -6.04 22.11
C ASN C 54 -17.43 -4.89 23.04
N VAL C 55 -18.27 -5.15 24.03
CA VAL C 55 -18.74 -4.05 24.89
C VAL C 55 -17.64 -3.57 25.83
N CYS C 56 -16.79 -4.48 26.29
CA CYS C 56 -15.75 -4.09 27.24
C CYS C 56 -14.67 -3.25 26.56
N TYR C 57 -14.27 -3.64 25.34
CA TYR C 57 -13.29 -2.83 24.61
C TYR C 57 -13.85 -1.46 24.30
N ASP C 58 -15.12 -1.39 23.90
CA ASP C 58 -15.73 -0.10 23.61
C ASP C 58 -15.85 0.75 24.86
N HIS C 59 -16.15 0.13 26.00
CA HIS C 59 -16.31 0.88 27.24
C HIS C 59 -15.01 1.54 27.68
N TYR C 60 -13.90 0.81 27.60
CA TYR C 60 -12.61 1.32 28.08
C TYR C 60 -11.83 2.07 27.01
N PHE C 61 -12.18 1.92 25.74
CA PHE C 61 -11.52 2.63 24.64
C PHE C 61 -12.58 3.27 23.74
N PRO C 62 -13.21 4.34 24.21
CA PRO C 62 -14.22 5.01 23.36
C PRO C 62 -13.65 5.53 22.06
N ILE C 63 -12.40 5.98 22.06
CA ILE C 63 -11.71 6.38 20.84
C ILE C 63 -10.23 6.05 21.02
N SER C 64 -9.62 5.51 19.97
CA SER C 64 -8.23 5.07 20.05
C SER C 64 -7.29 6.25 20.24
N HIS C 65 -6.13 5.98 20.83
CA HIS C 65 -5.14 7.03 21.04
C HIS C 65 -4.64 7.60 19.72
N ILE C 66 -4.42 6.74 18.72
CA ILE C 66 -3.92 7.21 17.44
C ILE C 66 -4.94 8.11 16.75
N ARG C 67 -6.23 7.79 16.90
CA ARG C 67 -7.25 8.63 16.30
C ARG C 67 -7.30 10.01 16.95
N LEU C 68 -7.14 10.06 18.28
CA LEU C 68 -7.10 11.36 18.95
C LEU C 68 -5.91 12.19 18.50
N TRP C 69 -4.75 11.56 18.38
CA TRP C 69 -3.57 12.27 17.90
C TRP C 69 -3.73 12.73 16.45
N ALA C 70 -4.37 11.90 15.62
CA ALA C 70 -4.63 12.30 14.25
C ALA C 70 -5.55 13.50 14.19
N LEU C 71 -6.60 13.51 15.03
CA LEU C 71 -7.48 14.67 15.08
C LEU C 71 -6.75 15.90 15.59
N GLN C 72 -5.90 15.73 16.60
CA GLN C 72 -5.19 16.87 17.18
C GLN C 72 -4.26 17.52 16.16
N LEU C 73 -3.55 16.71 15.37
CA LEU C 73 -2.63 17.26 14.38
C LEU C 73 -3.38 18.04 13.31
N ILE C 74 -4.54 17.52 12.88
CA ILE C 74 -5.33 18.22 11.86
C ILE C 74 -5.84 19.54 12.39
N PHE C 75 -6.33 19.56 13.64
CA PHE C 75 -6.88 20.78 14.21
C PHE C 75 -5.81 21.85 14.37
N VAL C 76 -4.61 21.48 14.82
CA VAL C 76 -3.54 22.46 15.03
C VAL C 76 -2.87 22.90 13.75
N SER C 77 -3.06 22.17 12.66
CA SER C 77 -2.51 22.55 11.36
C SER C 77 -3.47 23.35 10.51
N THR C 78 -4.70 23.57 10.96
CA THR C 78 -5.69 24.31 10.20
C THR C 78 -5.47 25.83 10.29
N PRO C 79 -5.17 26.42 11.46
CA PRO C 79 -4.87 27.86 11.46
C PRO C 79 -3.72 28.24 10.57
N ALA C 80 -2.69 27.39 10.49
CA ALA C 80 -1.58 27.65 9.58
C ALA C 80 -2.04 27.63 8.12
N LEU C 81 -2.89 26.67 7.77
CA LEU C 81 -3.41 26.59 6.41
C LEU C 81 -4.29 27.80 6.08
N LEU C 82 -5.10 28.24 7.05
CA LEU C 82 -5.97 29.39 6.81
C LEU C 82 -5.16 30.66 6.58
N VAL C 83 -4.07 30.84 7.33
CA VAL C 83 -3.23 32.02 7.16
C VAL C 83 -2.62 32.03 5.75
N ALA C 84 -2.14 30.88 5.29
CA ALA C 84 -1.55 30.81 3.95
C ALA C 84 -2.57 31.16 2.88
N MET C 85 -3.81 30.67 3.01
CA MET C 85 -4.85 31.03 2.06
C MET C 85 -5.21 32.52 2.19
N HIS C 86 -5.24 33.04 3.42
CA HIS C 86 -5.62 34.43 3.63
C HIS C 86 -4.61 35.38 3.00
N VAL C 87 -3.32 35.13 3.21
CA VAL C 87 -2.30 36.03 2.66
C VAL C 87 -2.26 35.91 1.14
N ALA C 88 -2.48 34.70 0.61
CA ALA C 88 -2.53 34.52 -0.84
C ALA C 88 -3.69 35.29 -1.46
N TYR C 89 -4.84 35.29 -0.77
CA TYR C 89 -5.99 36.06 -1.25
C TYR C 89 -5.69 37.55 -1.30
N ARG C 90 -5.05 38.07 -0.24
CA ARG C 90 -4.70 39.48 -0.22
C ARG C 90 -3.59 39.81 -1.21
N ARG C 91 -2.59 38.93 -1.31
CA ARG C 91 -1.48 39.17 -2.23
C ARG C 91 -1.95 39.17 -3.68
N HIS C 92 -2.84 38.23 -4.03
CA HIS C 92 -3.29 38.12 -5.42
C HIS C 92 -4.04 39.39 -5.85
N GLU C 93 -4.88 39.93 -4.97
CA GLU C 93 -5.62 41.14 -5.29
C GLU C 93 -4.85 42.38 -4.84
N GLU C 94 -0.66 46.44 8.13
CA GLU C 94 -0.06 45.86 9.33
C GLU C 94 -1.11 45.18 10.20
N GLY C 95 -2.22 45.89 10.44
CA GLY C 95 -3.25 45.35 11.30
C GLY C 95 -3.88 44.08 10.76
N SER C 96 -4.12 44.03 9.45
CA SER C 96 -4.75 42.86 8.86
C SER C 96 -3.90 41.61 9.05
N LEU C 97 -2.59 41.74 8.82
CA LEU C 97 -1.70 40.59 8.97
C LEU C 97 -1.44 40.29 10.44
N TRP C 98 -1.30 41.32 11.27
CA TRP C 98 -0.95 41.11 12.67
C TRP C 98 -2.07 40.41 13.43
N TRP C 99 -3.31 40.86 13.24
CA TRP C 99 -4.43 40.28 13.98
C TRP C 99 -4.65 38.82 13.59
N THR C 100 -4.54 38.51 12.30
CA THR C 100 -4.71 37.12 11.86
C THR C 100 -3.62 36.23 12.43
N TYR C 101 -2.38 36.73 12.45
CA TYR C 101 -1.26 35.92 12.93
C TYR C 101 -1.38 35.65 14.43
N THR C 102 -1.67 36.69 15.21
CA THR C 102 -1.74 36.52 16.66
C THR C 102 -2.95 35.67 17.06
N SER C 103 -4.01 35.69 16.24
CA SER C 103 -5.17 34.86 16.52
C SER C 103 -4.90 33.40 16.20
N SER C 104 -4.14 33.14 15.12
CA SER C 104 -3.88 31.77 14.72
C SER C 104 -3.09 31.01 15.78
N ILE C 105 -2.08 31.65 16.37
CA ILE C 105 -1.31 31.00 17.42
C ILE C 105 -2.16 30.83 18.68
N PHE C 106 -3.12 31.73 18.91
CA PHE C 106 -4.01 31.60 20.06
C PHE C 106 -4.89 30.37 19.93
N PHE C 107 -5.37 30.09 18.73
CA PHE C 107 -6.20 28.90 18.52
C PHE C 107 -5.38 27.62 18.70
N ARG C 108 -4.10 27.65 18.34
CA ARG C 108 -3.26 26.48 18.52
C ARG C 108 -3.07 26.14 19.99
N VAL C 109 -2.96 27.17 20.84
CA VAL C 109 -2.75 26.93 22.27
C VAL C 109 -3.95 26.22 22.89
N ILE C 110 -5.16 26.72 22.61
CA ILE C 110 -6.36 26.11 23.19
C ILE C 110 -6.60 24.72 22.59
N PHE C 111 -6.31 24.54 21.30
CA PHE C 111 -6.44 23.22 20.70
C PHE C 111 -5.50 22.21 21.34
N GLU C 112 -4.25 22.60 21.57
CA GLU C 112 -3.32 21.71 22.25
C GLU C 112 -3.76 21.41 23.67
N ALA C 113 -4.23 22.43 24.38
CA ALA C 113 -4.69 22.23 25.76
C ALA C 113 -5.94 21.36 25.81
N ALA C 114 -6.86 21.55 24.87
CA ALA C 114 -8.11 20.80 24.89
C ALA C 114 -7.85 19.31 24.70
N PHE C 115 -7.10 18.95 23.66
CA PHE C 115 -6.81 17.53 23.41
C PHE C 115 -5.99 16.93 24.54
N MET C 116 -5.03 17.68 25.08
CA MET C 116 -4.25 17.18 26.22
C MET C 116 -5.15 16.95 27.43
N TYR C 117 -6.12 17.85 27.65
CA TYR C 117 -7.07 17.65 28.73
C TYR C 117 -7.94 16.42 28.49
N VAL C 118 -8.36 16.21 27.25
CA VAL C 118 -9.22 15.07 26.92
C VAL C 118 -8.49 13.76 27.21
N PHE C 119 -7.19 13.71 26.89
CA PHE C 119 -6.42 12.49 27.15
C PHE C 119 -6.41 12.15 28.63
N TYR C 120 -6.26 13.16 29.49
CA TYR C 120 -6.15 12.89 30.93
C TYR C 120 -7.45 12.38 31.51
N VAL C 121 -8.57 13.06 31.20
CA VAL C 121 -9.85 12.70 31.81
C VAL C 121 -10.36 11.37 31.25
N MET C 122 -10.21 11.15 29.94
CA MET C 122 -10.77 9.95 29.33
C MET C 122 -10.07 8.68 29.81
N TYR C 123 -8.75 8.72 29.93
CA TYR C 123 -7.97 7.54 30.28
C TYR C 123 -7.38 7.60 31.68
N ASP C 124 -7.84 8.52 32.51
CA ASP C 124 -7.41 8.67 33.91
C ASP C 124 -5.90 8.48 34.07
N GLY C 125 -5.15 9.28 33.35
CA GLY C 125 -3.70 9.24 33.37
C GLY C 125 -3.12 8.78 32.04
N PHE C 126 -1.79 8.86 31.97
CA PHE C 126 -1.06 8.53 30.76
C PHE C 126 -0.46 7.12 30.79
N SER C 127 -0.81 6.32 31.80
CA SER C 127 -0.31 4.96 31.93
C SER C 127 -1.43 3.97 31.63
N MET C 128 -1.14 2.99 30.79
CA MET C 128 -2.13 1.99 30.39
C MET C 128 -1.92 0.72 31.22
N GLN C 129 -3.01 0.19 31.76
CA GLN C 129 -2.94 -0.97 32.63
C GLN C 129 -3.04 -2.26 31.84
N ARG C 130 -2.42 -3.32 32.37
CA ARG C 130 -2.51 -4.64 31.75
C ARG C 130 -3.91 -5.22 31.91
N LEU C 131 -4.53 -5.02 33.07
CA LEU C 131 -5.81 -5.64 33.40
C LEU C 131 -6.88 -4.56 33.53
N VAL C 132 -8.04 -4.83 32.94
CA VAL C 132 -9.22 -3.98 33.08
C VAL C 132 -10.38 -4.85 33.52
N LYS C 133 -11.14 -4.36 34.50
CA LYS C 133 -12.29 -5.08 35.04
C LYS C 133 -13.57 -4.49 34.46
N CYS C 134 -14.37 -5.35 33.85
CA CYS C 134 -15.52 -4.94 33.05
C CYS C 134 -16.78 -5.61 33.58
N ASN C 135 -17.83 -4.82 33.79
CA ASN C 135 -19.10 -5.33 34.31
C ASN C 135 -20.28 -4.84 33.49
N ALA C 136 -20.06 -4.35 32.28
CA ALA C 136 -21.15 -3.88 31.44
C ALA C 136 -21.93 -5.05 30.88
N TRP C 137 -23.22 -4.83 30.63
CA TRP C 137 -24.05 -5.87 30.02
C TRP C 137 -23.53 -6.19 28.63
N PRO C 138 -23.57 -7.47 28.19
CA PRO C 138 -24.11 -8.65 28.87
C PRO C 138 -23.10 -9.47 29.67
N CYS C 139 -21.98 -8.87 30.05
CA CYS C 139 -20.97 -9.62 30.80
C CYS C 139 -21.51 -9.98 32.17
N PRO C 140 -21.46 -11.25 32.57
CA PRO C 140 -21.96 -11.62 33.90
C PRO C 140 -20.99 -11.20 35.00
N ASN C 141 -21.51 -10.51 36.00
CA ASN C 141 -20.74 -10.03 37.16
C ASN C 141 -19.59 -9.17 36.62
N THR C 142 -18.35 -9.41 37.03
CA THR C 142 -17.19 -8.65 36.56
C THR C 142 -16.27 -9.61 35.80
N VAL C 143 -15.83 -9.17 34.61
CA VAL C 143 -15.01 -10.00 33.73
C VAL C 143 -13.64 -9.36 33.58
N ASP C 144 -12.59 -10.16 33.73
CA ASP C 144 -11.23 -9.69 33.55
C ASP C 144 -10.87 -9.70 32.07
N CYS C 145 -10.34 -8.57 31.59
CA CYS C 145 -9.88 -8.44 30.22
C CYS C 145 -8.45 -7.90 30.22
N PHE C 146 -7.69 -8.27 29.20
CA PHE C 146 -6.28 -7.94 29.12
C PHE C 146 -5.99 -7.12 27.86
N VAL C 147 -5.18 -6.09 28.01
CA VAL C 147 -4.87 -5.16 26.92
C VAL C 147 -3.62 -5.65 26.19
N SER C 148 -3.54 -5.32 24.90
CA SER C 148 -2.40 -5.71 24.08
C SER C 148 -1.34 -4.60 24.10
N ARG C 149 -0.10 -4.99 24.34
CA ARG C 149 1.04 -4.08 24.36
C ARG C 149 0.81 -2.86 25.27
N PRO C 150 0.49 -3.06 26.55
CA PRO C 150 0.27 -1.90 27.42
C PRO C 150 1.52 -1.07 27.66
N THR C 151 2.70 -1.69 27.73
CA THR C 151 3.91 -0.94 28.03
C THR C 151 4.35 -0.10 26.84
N GLU C 152 4.33 -0.67 25.63
CA GLU C 152 4.78 0.08 24.46
C GLU C 152 3.86 1.26 24.17
N LYS C 153 2.55 1.09 24.36
CA LYS C 153 1.62 2.20 24.19
C LYS C 153 1.85 3.28 25.23
N THR C 154 2.25 2.89 26.45
CA THR C 154 2.56 3.89 27.47
C THR C 154 3.77 4.73 27.09
N VAL C 155 4.79 4.10 26.50
CA VAL C 155 6.00 4.83 26.12
C VAL C 155 5.67 5.89 25.08
N PHE C 156 4.88 5.53 24.07
CA PHE C 156 4.52 6.48 23.04
C PHE C 156 3.53 7.54 23.56
N THR C 157 2.67 7.16 24.51
CA THR C 157 1.74 8.13 25.07
C THR C 157 2.48 9.23 25.81
N VAL C 158 3.45 8.85 26.64
CA VAL C 158 4.26 9.85 27.35
C VAL C 158 5.08 10.67 26.37
N PHE C 159 5.58 10.02 25.31
CA PHE C 159 6.39 10.72 24.32
C PHE C 159 5.57 11.78 23.59
N MET C 160 4.35 11.43 23.17
CA MET C 160 3.51 12.38 22.46
C MET C 160 3.07 13.53 23.36
N ILE C 161 2.73 13.24 24.62
CA ILE C 161 2.28 14.29 25.53
C ILE C 161 3.42 15.28 25.81
N ALA C 162 4.63 14.76 26.02
CA ALA C 162 5.77 15.64 26.33
C ALA C 162 6.06 16.59 25.18
N VAL C 163 6.05 16.09 23.95
CA VAL C 163 6.31 16.96 22.80
C VAL C 163 5.21 18.00 22.65
N SER C 164 3.95 17.59 22.84
CA SER C 164 2.84 18.53 22.77
C SER C 164 2.95 19.61 23.83
N GLY C 165 3.37 19.25 25.04
CA GLY C 165 3.59 20.24 26.08
C GLY C 165 4.69 21.23 25.77
N ILE C 166 5.75 20.79 25.07
CA ILE C 166 6.79 21.70 24.65
C ILE C 166 6.25 22.70 23.63
N CYS C 167 5.42 22.24 22.69
CA CYS C 167 4.83 23.13 21.71
C CYS C 167 3.94 24.19 22.34
N ILE C 168 3.29 23.87 23.46
CA ILE C 168 2.49 24.87 24.16
C ILE C 168 3.38 25.98 24.70
N LEU C 169 4.52 25.63 25.28
CA LEU C 169 5.42 26.63 25.85
C LEU C 169 5.96 27.55 24.77
N LEU C 170 6.31 27.00 23.62
CA LEU C 170 6.82 27.83 22.53
C LEU C 170 5.78 28.82 22.04
N ASN C 171 4.52 28.37 21.93
CA ASN C 171 3.45 29.28 21.51
C ASN C 171 3.18 30.33 22.57
N VAL C 172 3.28 29.96 23.85
CA VAL C 172 3.08 30.93 24.93
C VAL C 172 4.16 32.01 24.87
N THR C 173 5.42 31.61 24.68
CA THR C 173 6.49 32.59 24.54
C THR C 173 6.34 33.40 23.26
N GLU C 174 5.73 32.82 22.23
CA GLU C 174 5.47 33.57 21.01
C GLU C 174 4.52 34.72 21.27
N LEU C 175 3.49 34.50 22.08
CA LEU C 175 2.59 35.59 22.47
C LEU C 175 3.33 36.65 23.27
N CYS C 176 4.26 36.23 24.12
CA CYS C 176 5.00 37.19 24.95
C CYS C 176 5.83 38.14 24.10
N TYR C 177 6.45 37.65 23.04
CA TYR C 177 7.24 38.51 22.17
C TYR C 177 6.37 39.58 21.53
N LEU C 178 5.19 39.21 21.05
CA LEU C 178 4.31 40.17 20.40
C LEU C 178 3.63 41.08 21.43
N LEU C 179 3.38 40.55 22.63
CA LEU C 179 2.72 41.35 23.66
C LEU C 179 3.55 42.55 24.07
N ILE C 180 4.85 42.34 24.34
CA ILE C 180 5.70 43.43 24.79
C ILE C 180 5.97 44.42 23.66
N ARG C 181 6.11 43.92 22.43
CA ARG C 181 6.43 44.79 21.31
C ARG C 181 5.22 45.62 20.89
N TYR C 182 4.01 45.08 21.06
CA TYR C 182 2.77 45.73 20.64
C TYR C 182 2.80 46.07 19.15
N ILE D 1 15.22 15.59 -1.32
CA ILE D 1 15.14 15.19 0.08
C ILE D 1 16.53 15.15 0.70
N LEU D 2 17.29 14.11 0.35
CA LEU D 2 18.66 13.99 0.88
C LEU D 2 19.61 14.96 0.20
N GLY D 3 19.23 15.51 -0.95
CA GLY D 3 20.11 16.43 -1.66
C GLY D 3 20.37 17.71 -0.88
N GLY D 4 19.33 18.27 -0.27
CA GLY D 4 19.48 19.49 0.51
C GLY D 4 20.37 19.33 1.72
N VAL D 5 20.19 18.24 2.46
CA VAL D 5 20.98 17.98 3.66
C VAL D 5 22.40 17.52 3.34
N ASN D 6 22.66 17.11 2.10
CA ASN D 6 23.97 16.61 1.72
C ASN D 6 25.02 17.72 1.63
N LYS D 7 24.62 18.98 1.70
CA LYS D 7 25.53 20.09 1.50
C LYS D 7 26.13 20.55 2.82
N HIS D 8 27.26 21.26 2.73
CA HIS D 8 27.94 21.86 3.87
C HIS D 8 28.31 20.81 4.92
N SER D 9 29.20 19.90 4.50
CA SER D 9 29.70 18.85 5.36
C SER D 9 31.18 18.63 5.10
N THR D 10 31.86 18.04 6.08
CA THR D 10 33.30 17.83 5.99
C THR D 10 33.64 16.61 5.14
N SER D 11 34.91 16.21 5.14
CA SER D 11 35.41 15.17 4.25
C SER D 11 34.67 13.84 4.41
N ILE D 12 34.56 13.35 5.64
CA ILE D 12 33.96 12.04 5.88
C ILE D 12 32.47 12.17 6.21
N GLY D 13 32.08 13.31 6.77
CA GLY D 13 30.68 13.52 7.10
C GLY D 13 29.78 13.69 5.90
N LYS D 14 30.35 14.12 4.77
CA LYS D 14 29.54 14.36 3.57
C LYS D 14 29.19 13.07 2.83
N ILE D 15 30.05 12.06 2.91
CA ILE D 15 29.91 10.84 2.12
C ILE D 15 29.64 9.62 3.01
N TRP D 16 30.56 9.29 3.91
CA TRP D 16 30.46 8.05 4.66
C TRP D 16 29.30 8.10 5.65
N LEU D 17 29.14 9.21 6.37
CA LEU D 17 28.04 9.32 7.32
C LEU D 17 26.68 9.34 6.65
N THR D 18 26.62 9.73 5.38
CA THR D 18 25.33 9.79 4.68
C THR D 18 24.93 8.43 4.13
N VAL D 19 25.88 7.70 3.53
CA VAL D 19 25.55 6.41 2.96
C VAL D 19 25.21 5.40 4.05
N LEU D 20 25.90 5.46 5.18
CA LEU D 20 25.58 4.57 6.29
C LEU D 20 24.19 4.86 6.86
N PHE D 21 23.81 6.14 6.93
CA PHE D 21 22.47 6.49 7.37
C PHE D 21 21.42 5.95 6.40
N ILE D 22 21.68 6.08 5.10
CA ILE D 22 20.81 5.47 4.10
C ILE D 22 20.88 3.94 4.21
N PHE D 23 22.06 3.40 4.52
CA PHE D 23 22.21 1.96 4.64
C PHE D 23 21.32 1.39 5.72
N ARG D 24 21.26 2.05 6.88
CA ARG D 24 20.42 1.57 7.97
C ARG D 24 18.95 1.67 7.62
N ILE D 25 18.55 2.74 6.92
CA ILE D 25 17.14 2.91 6.55
C ILE D 25 16.69 1.79 5.62
N MET D 26 17.53 1.45 4.63
CA MET D 26 17.16 0.43 3.67
C MET D 26 16.98 -0.93 4.34
N ILE D 27 17.87 -1.28 5.27
CA ILE D 27 17.75 -2.55 5.98
C ILE D 27 16.43 -2.60 6.76
N LEU D 28 16.03 -1.48 7.34
CA LEU D 28 14.86 -1.45 8.20
C LEU D 28 13.56 -1.65 7.42
N VAL D 29 13.44 -0.99 6.27
CA VAL D 29 12.14 -0.93 5.59
C VAL D 29 11.91 -2.16 4.72
N VAL D 30 12.91 -2.55 3.92
CA VAL D 30 12.68 -3.61 2.94
C VAL D 30 12.97 -4.99 3.50
N ALA D 31 13.75 -5.11 4.58
CA ALA D 31 14.12 -6.40 5.12
C ALA D 31 13.64 -6.62 6.54
N ALA D 32 13.90 -5.68 7.45
CA ALA D 32 13.67 -5.91 8.87
C ALA D 32 12.19 -5.89 9.23
N LYS D 33 11.38 -5.06 8.57
CA LYS D 33 9.99 -4.88 9.00
C LYS D 33 9.17 -6.16 8.86
N GLU D 34 9.36 -6.93 7.79
CA GLU D 34 8.60 -8.15 7.60
C GLU D 34 9.07 -9.29 8.49
N VAL D 35 10.27 -9.19 9.07
CA VAL D 35 10.74 -10.20 10.02
C VAL D 35 9.95 -10.10 11.32
N TRP D 36 9.66 -8.89 11.78
CA TRP D 36 8.93 -8.65 13.01
C TRP D 36 7.42 -8.56 12.80
N GLY D 37 6.93 -8.92 11.61
CA GLY D 37 5.50 -8.80 11.35
C GLY D 37 4.65 -9.67 12.25
N ASP D 38 5.08 -10.91 12.47
CA ASP D 38 4.33 -11.88 13.28
C ASP D 38 4.96 -12.07 14.66
N GLU D 39 5.45 -10.99 15.27
CA GLU D 39 6.12 -11.11 16.56
C GLU D 39 5.17 -11.61 17.64
N GLN D 40 3.94 -11.12 17.65
CA GLN D 40 2.95 -11.54 18.64
C GLN D 40 2.01 -12.61 18.14
N ALA D 41 1.73 -12.66 16.84
CA ALA D 41 0.83 -13.67 16.30
C ALA D 41 1.39 -15.07 16.46
N ASP D 42 2.69 -15.26 16.26
CA ASP D 42 3.31 -16.57 16.38
C ASP D 42 3.95 -16.80 17.74
N PHE D 43 3.74 -15.89 18.70
CA PHE D 43 4.22 -16.11 20.06
C PHE D 43 3.36 -17.17 20.73
N VAL D 44 3.96 -18.29 21.10
CA VAL D 44 3.23 -19.46 21.58
C VAL D 44 3.68 -19.75 23.00
N CYS D 45 2.71 -19.92 23.90
CA CYS D 45 2.95 -20.29 25.29
C CYS D 45 2.24 -21.61 25.59
N ASN D 46 2.90 -22.45 26.39
CA ASN D 46 2.36 -23.76 26.76
C ASN D 46 1.51 -23.61 28.02
N THR D 47 0.28 -23.14 27.83
CA THR D 47 -0.63 -22.93 28.95
C THR D 47 -2.06 -22.87 28.42
N LEU D 48 -3.01 -23.05 29.33
CA LEU D 48 -4.42 -22.88 29.04
C LEU D 48 -5.01 -21.66 29.74
N GLN D 49 -4.19 -20.86 30.41
CA GLN D 49 -4.68 -19.72 31.15
C GLN D 49 -4.98 -18.56 30.20
N PRO D 50 -6.21 -18.07 30.15
CA PRO D 50 -6.51 -16.92 29.29
C PRO D 50 -5.76 -15.68 29.77
N GLY D 51 -5.21 -14.93 28.82
CA GLY D 51 -4.50 -13.70 29.11
C GLY D 51 -3.03 -13.87 29.47
N CYS D 52 -2.56 -15.10 29.65
CA CYS D 52 -1.16 -15.30 29.98
C CYS D 52 -0.25 -14.96 28.80
N LYS D 53 -0.72 -15.21 27.57
CA LYS D 53 0.08 -14.88 26.40
C LYS D 53 0.32 -13.38 26.28
N ASN D 54 -0.70 -12.57 26.56
CA ASN D 54 -0.55 -11.13 26.44
C ASN D 54 0.46 -10.57 27.44
N VAL D 55 0.40 -11.01 28.69
CA VAL D 55 1.25 -10.43 29.71
C VAL D 55 2.71 -10.86 29.52
N CYS D 56 2.94 -12.10 29.06
CA CYS D 56 4.31 -12.59 28.91
C CYS D 56 5.01 -11.90 27.75
N TYR D 57 4.31 -11.71 26.63
CA TYR D 57 4.91 -11.00 25.50
C TYR D 57 5.23 -9.56 25.89
N ASP D 58 4.31 -8.91 26.61
CA ASP D 58 4.55 -7.54 27.04
C ASP D 58 5.71 -7.46 28.02
N HIS D 59 5.84 -8.45 28.91
CA HIS D 59 6.89 -8.43 29.91
C HIS D 59 8.28 -8.53 29.26
N TYR D 60 8.43 -9.41 28.27
CA TYR D 60 9.73 -9.63 27.66
C TYR D 60 10.00 -8.74 26.46
N PHE D 61 8.98 -8.10 25.91
CA PHE D 61 9.13 -7.18 24.78
C PHE D 61 8.39 -5.89 25.09
N PRO D 62 8.93 -5.06 26.00
CA PRO D 62 8.26 -3.79 26.29
C PRO D 62 8.13 -2.88 25.08
N ILE D 63 9.11 -2.89 24.19
CA ILE D 63 9.04 -2.17 22.92
C ILE D 63 9.78 -2.99 21.87
N SER D 64 9.21 -3.08 20.67
CA SER D 64 9.79 -3.90 19.63
C SER D 64 11.12 -3.33 19.16
N HIS D 65 11.96 -4.21 18.62
CA HIS D 65 13.26 -3.78 18.11
C HIS D 65 13.12 -2.80 16.96
N ILE D 66 12.16 -3.06 16.06
CA ILE D 66 11.98 -2.18 14.90
C ILE D 66 11.52 -0.79 15.35
N ARG D 67 10.70 -0.72 16.40
CA ARG D 67 10.26 0.58 16.89
C ARG D 67 11.42 1.36 17.49
N LEU D 68 12.30 0.68 18.22
CA LEU D 68 13.48 1.36 18.76
C LEU D 68 14.38 1.89 17.66
N TRP D 69 14.59 1.09 16.62
CA TRP D 69 15.41 1.54 15.49
C TRP D 69 14.75 2.70 14.76
N ALA D 70 13.42 2.65 14.61
CA ALA D 70 12.71 3.76 13.98
C ALA D 70 12.86 5.04 14.79
N LEU D 71 12.76 4.95 16.12
CA LEU D 71 12.97 6.12 16.96
C LEU D 71 14.40 6.62 16.87
N GLN D 72 15.37 5.70 16.83
CA GLN D 72 16.77 6.10 16.78
C GLN D 72 17.08 6.86 15.51
N LEU D 73 16.56 6.38 14.36
CA LEU D 73 16.84 7.06 13.09
C LEU D 73 16.24 8.46 13.07
N ILE D 74 15.03 8.63 13.62
CA ILE D 74 14.41 9.94 13.65
C ILE D 74 15.20 10.90 14.53
N PHE D 75 15.65 10.41 15.70
CA PHE D 75 16.39 11.28 16.62
C PHE D 75 17.71 11.74 16.02
N VAL D 76 18.43 10.82 15.35
CA VAL D 76 19.74 11.17 14.79
C VAL D 76 19.64 11.97 13.50
N SER D 77 18.46 12.01 12.88
CA SER D 77 18.26 12.80 11.67
C SER D 77 17.69 14.18 11.94
N THR D 78 17.38 14.50 13.19
CA THR D 78 16.81 15.80 13.56
C THR D 78 17.87 16.90 13.61
N PRO D 79 19.07 16.67 14.19
CA PRO D 79 20.08 17.74 14.13
C PRO D 79 20.45 18.15 12.71
N ALA D 80 20.48 17.19 11.78
CA ALA D 80 20.75 17.53 10.39
C ALA D 80 19.63 18.39 9.81
N LEU D 81 18.38 18.06 10.13
CA LEU D 81 17.26 18.86 9.65
C LEU D 81 17.28 20.26 10.25
N LEU D 82 17.62 20.38 11.53
CA LEU D 82 17.67 21.68 12.17
C LEU D 82 18.74 22.57 11.55
N VAL D 83 19.90 21.99 11.22
CA VAL D 83 20.97 22.77 10.59
C VAL D 83 20.52 23.31 9.23
N ALA D 84 19.83 22.47 8.45
CA ALA D 84 19.35 22.91 7.14
C ALA D 84 18.37 24.07 7.27
N MET D 85 17.46 23.98 8.24
CA MET D 85 16.52 25.08 8.48
C MET D 85 17.26 26.31 9.00
N HIS D 86 18.26 26.11 9.85
CA HIS D 86 18.98 27.24 10.44
C HIS D 86 19.74 28.02 9.38
N VAL D 87 20.46 27.31 8.49
CA VAL D 87 21.24 28.00 7.47
C VAL D 87 20.32 28.66 6.46
N ALA D 88 19.18 28.04 6.15
CA ALA D 88 18.21 28.65 5.24
C ALA D 88 17.64 29.94 5.83
N TYR D 89 17.39 29.95 7.14
CA TYR D 89 16.90 31.16 7.78
C TYR D 89 17.92 32.29 7.70
N ARG D 90 19.20 31.97 7.93
CA ARG D 90 20.24 32.98 7.85
C ARG D 90 20.49 33.40 6.41
N ARG D 91 20.49 32.44 5.48
CA ARG D 91 20.73 32.77 4.07
C ARG D 91 19.62 33.64 3.51
N HIS D 92 18.37 33.35 3.86
CA HIS D 92 17.25 34.11 3.31
C HIS D 92 17.30 35.57 3.74
N GLU D 93 17.66 35.82 5.00
CA GLU D 93 17.77 37.18 5.51
C GLU D 93 19.19 37.72 5.34
N GLU D 94 31.44 33.05 10.85
CA GLU D 94 32.14 31.79 11.10
C GLU D 94 31.64 31.13 12.38
N GLY D 95 31.57 31.92 13.45
CA GLY D 95 31.17 31.37 14.74
C GLY D 95 29.75 30.82 14.73
N SER D 96 28.83 31.52 14.07
CA SER D 96 27.44 31.08 14.05
C SER D 96 27.30 29.72 13.36
N LEU D 97 27.99 29.53 12.24
CA LEU D 97 27.91 28.26 11.54
C LEU D 97 28.72 27.18 12.24
N TRP D 98 29.89 27.55 12.78
CA TRP D 98 30.78 26.55 13.37
C TRP D 98 30.16 25.95 14.63
N TRP D 99 29.62 26.79 15.51
CA TRP D 99 29.07 26.29 16.77
C TRP D 99 27.87 25.39 16.53
N THR D 100 26.99 25.77 15.59
CA THR D 100 25.83 24.93 15.29
C THR D 100 26.26 23.58 14.71
N TYR D 101 27.27 23.59 13.84
CA TYR D 101 27.71 22.34 13.20
C TYR D 101 28.35 21.40 14.21
N THR D 102 29.25 21.94 15.06
CA THR D 102 29.94 21.08 16.01
C THR D 102 28.99 20.58 17.09
N SER D 103 27.93 21.33 17.37
CA SER D 103 26.94 20.87 18.35
C SER D 103 26.06 19.78 17.77
N SER D 104 25.71 19.89 16.49
CA SER D 104 24.82 18.91 15.87
C SER D 104 25.44 17.52 15.87
N ILE D 105 26.73 17.42 15.54
CA ILE D 105 27.39 16.12 15.56
C ILE D 105 27.53 15.61 16.99
N PHE D 106 27.65 16.52 17.96
CA PHE D 106 27.74 16.09 19.35
C PHE D 106 26.44 15.44 19.81
N PHE D 107 25.30 15.98 19.38
CA PHE D 107 24.02 15.38 19.75
C PHE D 107 23.83 14.02 19.09
N ARG D 108 24.37 13.83 17.90
CA ARG D 108 24.27 12.54 17.23
C ARG D 108 25.03 11.46 17.99
N VAL D 109 26.18 11.82 18.57
CA VAL D 109 26.99 10.83 19.29
C VAL D 109 26.25 10.32 20.52
N ILE D 110 25.69 11.24 21.31
CA ILE D 110 24.99 10.81 22.52
C ILE D 110 23.70 10.08 22.19
N PHE D 111 23.02 10.50 21.11
CA PHE D 111 21.81 9.79 20.69
C PHE D 111 22.12 8.37 20.27
N GLU D 112 23.20 8.17 19.50
CA GLU D 112 23.60 6.83 19.12
C GLU D 112 23.99 6.00 20.34
N ALA D 113 24.73 6.59 21.27
CA ALA D 113 25.15 5.86 22.47
C ALA D 113 23.97 5.54 23.36
N ALA D 114 23.01 6.45 23.48
CA ALA D 114 21.87 6.22 24.36
C ALA D 114 21.02 5.05 23.88
N PHE D 115 20.65 5.05 22.60
CA PHE D 115 19.84 3.95 22.07
C PHE D 115 20.60 2.64 22.09
N MET D 116 21.90 2.67 21.79
CA MET D 116 22.71 1.46 21.86
C MET D 116 22.76 0.93 23.30
N TYR D 117 22.87 1.83 24.27
CA TYR D 117 22.83 1.41 25.67
C TYR D 117 21.48 0.83 26.05
N VAL D 118 20.39 1.42 25.55
CA VAL D 118 19.06 0.93 25.87
C VAL D 118 18.87 -0.49 25.35
N PHE D 119 19.39 -0.77 24.15
CA PHE D 119 19.26 -2.12 23.59
C PHE D 119 19.93 -3.15 24.48
N TYR D 120 21.10 -2.83 25.03
CA TYR D 120 21.84 -3.80 25.83
C TYR D 120 21.13 -4.10 27.14
N VAL D 121 20.72 -3.06 27.86
CA VAL D 121 20.14 -3.27 29.19
C VAL D 121 18.75 -3.89 29.08
N MET D 122 17.95 -3.46 28.11
CA MET D 122 16.57 -3.93 28.01
C MET D 122 16.50 -5.40 27.64
N TYR D 123 17.34 -5.85 26.71
CA TYR D 123 17.29 -7.20 26.21
C TYR D 123 18.47 -8.06 26.66
N ASP D 124 19.23 -7.61 27.65
CA ASP D 124 20.38 -8.33 28.23
C ASP D 124 21.20 -9.03 27.15
N GLY D 125 21.69 -8.25 26.21
CA GLY D 125 22.50 -8.75 25.11
C GLY D 125 21.80 -8.61 23.77
N PHE D 126 22.55 -8.92 22.72
CA PHE D 126 22.07 -8.80 21.35
C PHE D 126 21.61 -10.13 20.76
N SER D 127 21.52 -11.17 21.59
CA SER D 127 21.09 -12.49 21.14
C SER D 127 19.70 -12.79 21.69
N MET D 128 18.80 -13.23 20.82
CA MET D 128 17.43 -13.53 21.21
C MET D 128 17.27 -15.03 21.44
N GLN D 129 16.66 -15.39 22.55
CA GLN D 129 16.52 -16.79 22.94
C GLN D 129 15.24 -17.40 22.36
N ARG D 130 15.30 -18.71 22.11
CA ARG D 130 14.11 -19.42 21.64
C ARG D 130 13.06 -19.53 22.74
N LEU D 131 13.50 -19.78 23.97
CA LEU D 131 12.60 -20.04 25.09
C LEU D 131 12.70 -18.93 26.11
N VAL D 132 11.54 -18.46 26.59
CA VAL D 132 11.45 -17.49 27.67
C VAL D 132 10.54 -18.06 28.75
N LYS D 133 10.97 -17.94 30.00
CA LYS D 133 10.20 -18.44 31.14
C LYS D 133 9.48 -17.27 31.80
N CYS D 134 8.17 -17.39 31.94
CA CYS D 134 7.30 -16.31 32.35
C CYS D 134 6.49 -16.73 33.57
N ASN D 135 6.49 -15.87 34.60
CA ASN D 135 5.76 -16.16 35.83
C ASN D 135 4.90 -14.98 36.28
N ALA D 136 4.62 -14.04 35.39
CA ALA D 136 3.79 -12.89 35.75
C ALA D 136 2.33 -13.31 35.85
N TRP D 137 1.58 -12.61 36.69
CA TRP D 137 0.16 -12.86 36.82
C TRP D 137 -0.55 -12.58 35.50
N PRO D 138 -1.56 -13.36 35.11
CA PRO D 138 -2.17 -14.49 35.83
C PRO D 138 -1.62 -15.87 35.48
N CYS D 139 -0.41 -15.94 34.93
CA CYS D 139 0.16 -17.22 34.55
C CYS D 139 0.43 -18.06 35.79
N PRO D 140 -0.06 -19.29 35.88
CA PRO D 140 0.21 -20.11 37.07
C PRO D 140 1.64 -20.64 37.06
N ASN D 141 2.34 -20.43 38.18
CA ASN D 141 3.72 -20.87 38.38
C ASN D 141 4.57 -20.26 37.26
N THR D 142 5.36 -21.05 36.54
CA THR D 142 6.19 -20.57 35.44
C THR D 142 5.72 -21.22 34.15
N VAL D 143 5.54 -20.41 33.11
CA VAL D 143 5.01 -20.87 31.84
C VAL D 143 6.07 -20.70 30.77
N ASP D 144 6.29 -21.75 29.97
CA ASP D 144 7.24 -21.70 28.87
C ASP D 144 6.59 -21.07 27.65
N CYS D 145 7.26 -20.08 27.07
CA CYS D 145 6.81 -19.42 25.85
C CYS D 145 7.94 -19.43 24.83
N PHE D 146 7.56 -19.43 23.56
CA PHE D 146 8.52 -19.56 22.46
C PHE D 146 8.43 -18.36 21.54
N VAL D 147 9.58 -17.85 21.12
CA VAL D 147 9.68 -16.65 20.29
C VAL D 147 9.67 -17.05 18.83
N SER D 148 9.17 -16.16 17.98
CA SER D 148 9.11 -16.40 16.54
C SER D 148 10.36 -15.84 15.87
N ARG D 149 10.99 -16.66 15.03
CA ARG D 149 12.19 -16.31 14.29
C ARG D 149 13.29 -15.71 15.16
N PRO D 150 13.73 -16.43 16.21
CA PRO D 150 14.79 -15.87 17.06
C PRO D 150 16.12 -15.71 16.34
N THR D 151 16.47 -16.62 15.43
CA THR D 151 17.78 -16.53 14.78
C THR D 151 17.83 -15.39 13.78
N GLU D 152 16.79 -15.23 12.95
CA GLU D 152 16.79 -14.17 11.95
C GLU D 152 16.80 -12.78 12.60
N LYS D 153 16.06 -12.62 13.70
CA LYS D 153 16.09 -11.35 14.42
C LYS D 153 17.45 -11.09 15.04
N THR D 154 18.16 -12.13 15.46
CA THR D 154 19.51 -11.96 15.99
C THR D 154 20.47 -11.46 14.92
N VAL D 155 20.34 -11.99 13.70
CA VAL D 155 21.23 -11.58 12.61
C VAL D 155 21.07 -10.09 12.31
N PHE D 156 19.82 -9.62 12.23
CA PHE D 156 19.58 -8.22 11.96
C PHE D 156 19.94 -7.34 13.15
N THR D 157 19.78 -7.85 14.37
CA THR D 157 20.14 -7.07 15.55
C THR D 157 21.64 -6.80 15.59
N VAL D 158 22.46 -7.83 15.32
CA VAL D 158 23.89 -7.64 15.27
C VAL D 158 24.27 -6.73 14.12
N PHE D 159 23.57 -6.87 12.98
CA PHE D 159 23.87 -6.05 11.82
C PHE D 159 23.60 -4.57 12.09
N MET D 160 22.47 -4.26 12.72
CA MET D 160 22.14 -2.87 13.02
C MET D 160 23.07 -2.27 14.06
N ILE D 161 23.44 -3.05 15.08
CA ILE D 161 24.33 -2.54 16.11
C ILE D 161 25.71 -2.24 15.54
N ALA D 162 26.22 -3.13 14.69
CA ALA D 162 27.56 -2.93 14.13
C ALA D 162 27.63 -1.68 13.27
N VAL D 163 26.61 -1.44 12.44
CA VAL D 163 26.60 -0.24 11.61
C VAL D 163 26.49 1.01 12.47
N SER D 164 25.65 0.97 13.50
CA SER D 164 25.52 2.11 14.40
C SER D 164 26.84 2.41 15.12
N GLY D 165 27.57 1.36 15.52
CA GLY D 165 28.88 1.56 16.13
C GLY D 165 29.90 2.17 15.20
N ILE D 166 29.83 1.85 13.91
CA ILE D 166 30.73 2.47 12.94
C ILE D 166 30.42 3.96 12.82
N CYS D 167 29.13 4.32 12.81
CA CYS D 167 28.74 5.72 12.72
C CYS D 167 29.23 6.53 13.92
N ILE D 168 29.31 5.90 15.10
CA ILE D 168 29.85 6.59 16.27
C ILE D 168 31.32 6.93 16.06
N LEU D 169 32.10 5.99 15.51
CA LEU D 169 33.52 6.23 15.31
C LEU D 169 33.75 7.36 14.30
N LEU D 170 32.95 7.40 13.24
CA LEU D 170 33.10 8.46 12.24
C LEU D 170 32.81 9.82 12.85
N ASN D 171 31.77 9.91 13.68
CA ASN D 171 31.45 11.18 14.33
C ASN D 171 32.54 11.57 15.33
N VAL D 172 33.11 10.59 16.03
CA VAL D 172 34.18 10.89 16.97
C VAL D 172 35.40 11.44 16.23
N THR D 173 35.76 10.83 15.11
CA THR D 173 36.87 11.36 14.31
C THR D 173 36.52 12.71 13.70
N GLU D 174 35.23 12.96 13.45
CA GLU D 174 34.81 14.26 12.95
C GLU D 174 35.11 15.35 13.97
N LEU D 175 34.86 15.07 15.25
CA LEU D 175 35.22 16.02 16.31
C LEU D 175 36.72 16.24 16.36
N CYS D 176 37.50 15.18 16.15
CA CYS D 176 38.95 15.29 16.23
C CYS D 176 39.50 16.25 15.16
N TYR D 177 38.94 16.19 13.94
CA TYR D 177 39.39 17.09 12.89
C TYR D 177 39.16 18.55 13.26
N LEU D 178 37.99 18.85 13.81
CA LEU D 178 37.68 20.23 14.19
C LEU D 178 38.43 20.63 15.46
N LEU D 179 38.67 19.68 16.36
CA LEU D 179 39.35 19.99 17.61
C LEU D 179 40.77 20.49 17.36
N ILE D 180 41.53 19.79 16.52
CA ILE D 180 42.92 20.18 16.28
C ILE D 180 43.00 21.46 15.46
N ARG D 181 42.07 21.64 14.51
CA ARG D 181 42.12 22.82 13.66
C ARG D 181 41.68 24.07 14.41
N TYR D 182 40.77 23.92 15.38
CA TYR D 182 40.20 25.05 16.12
C TYR D 182 39.56 26.06 15.20
N ILE E 1 17.25 8.51 -10.63
CA ILE E 1 17.77 7.48 -9.74
C ILE E 1 18.88 6.69 -10.43
N LEU E 2 18.48 5.81 -11.34
CA LEU E 2 19.47 5.01 -12.07
C LEU E 2 20.19 5.84 -13.13
N GLY E 3 19.63 7.00 -13.50
CA GLY E 3 20.27 7.82 -14.52
C GLY E 3 21.63 8.36 -14.10
N GLY E 4 21.75 8.79 -12.85
CA GLY E 4 23.01 9.31 -12.35
C GLY E 4 24.11 8.26 -12.30
N VAL E 5 23.77 7.07 -11.81
CA VAL E 5 24.76 6.00 -11.70
C VAL E 5 25.08 5.36 -13.03
N ASN E 6 24.25 5.59 -14.06
CA ASN E 6 24.47 4.99 -15.37
C ASN E 6 25.66 5.59 -16.11
N LYS E 7 26.23 6.68 -15.62
CA LYS E 7 27.30 7.38 -16.33
C LYS E 7 28.67 6.87 -15.90
N HIS E 8 29.66 7.12 -16.76
CA HIS E 8 31.07 6.79 -16.50
C HIS E 8 31.23 5.29 -16.25
N SER E 9 30.94 4.52 -17.31
CA SER E 9 31.08 3.07 -17.26
C SER E 9 31.63 2.57 -18.59
N THR E 10 32.21 1.38 -18.58
CA THR E 10 32.84 0.81 -19.75
C THR E 10 31.80 0.18 -20.69
N SER E 11 32.26 -0.54 -21.71
CA SER E 11 31.40 -1.06 -22.77
C SER E 11 30.28 -1.96 -22.24
N ILE E 12 30.64 -2.96 -21.43
CA ILE E 12 29.67 -3.93 -20.97
C ILE E 12 29.11 -3.54 -19.61
N GLY E 13 29.90 -2.80 -18.82
CA GLY E 13 29.43 -2.38 -17.51
C GLY E 13 28.34 -1.33 -17.56
N LYS E 14 28.27 -0.56 -18.65
CA LYS E 14 27.27 0.50 -18.75
C LYS E 14 25.88 -0.04 -19.08
N ILE E 15 25.80 -1.14 -19.81
CA ILE E 15 24.53 -1.65 -20.33
C ILE E 15 24.16 -2.99 -19.69
N TRP E 16 25.00 -4.01 -19.89
CA TRP E 16 24.63 -5.36 -19.47
C TRP E 16 24.59 -5.49 -17.95
N LEU E 17 25.58 -4.93 -17.26
CA LEU E 17 25.58 -5.00 -15.80
C LEU E 17 24.45 -4.20 -15.17
N THR E 18 23.92 -3.19 -15.87
CA THR E 18 22.85 -2.39 -15.30
C THR E 18 21.49 -3.05 -15.50
N VAL E 19 21.23 -3.62 -16.68
CA VAL E 19 19.94 -4.24 -16.93
C VAL E 19 19.77 -5.50 -16.09
N LEU E 20 20.85 -6.26 -15.92
CA LEU E 20 20.78 -7.45 -15.06
C LEU E 20 20.51 -7.08 -13.62
N PHE E 21 21.11 -5.99 -13.13
CA PHE E 21 20.82 -5.52 -11.78
C PHE E 21 19.37 -5.11 -11.64
N ILE E 22 18.83 -4.40 -12.64
CA ILE E 22 17.40 -4.10 -12.66
C ILE E 22 16.59 -5.38 -12.81
N PHE E 23 17.11 -6.35 -13.58
CA PHE E 23 16.40 -7.60 -13.80
C PHE E 23 16.18 -8.34 -12.48
N ARG E 24 17.22 -8.40 -11.65
CA ARG E 24 17.10 -9.09 -10.35
C ARG E 24 16.13 -8.37 -9.43
N ILE E 25 16.15 -7.03 -9.44
CA ILE E 25 15.26 -6.26 -8.57
C ILE E 25 13.80 -6.53 -8.94
N MET E 26 13.49 -6.53 -10.23
CA MET E 26 12.11 -6.73 -10.66
C MET E 26 11.59 -8.10 -10.26
N ILE E 27 12.41 -9.14 -10.39
CA ILE E 27 11.98 -10.48 -10.00
C ILE E 27 11.67 -10.52 -8.50
N LEU E 28 12.47 -9.81 -7.70
CA LEU E 28 12.33 -9.87 -6.26
C LEU E 28 11.05 -9.21 -5.76
N VAL E 29 10.71 -8.05 -6.32
CA VAL E 29 9.63 -7.25 -5.74
C VAL E 29 8.27 -7.69 -6.25
N VAL E 30 8.12 -7.88 -7.56
CA VAL E 30 6.80 -8.14 -8.11
C VAL E 30 6.45 -9.63 -8.12
N ALA E 31 7.43 -10.52 -8.07
CA ALA E 31 7.17 -11.95 -8.16
C ALA E 31 7.59 -12.72 -6.91
N ALA E 32 8.83 -12.53 -6.45
CA ALA E 32 9.38 -13.38 -5.41
C ALA E 32 8.79 -13.10 -4.04
N LYS E 33 8.45 -11.84 -3.74
CA LYS E 33 8.04 -11.49 -2.38
C LYS E 33 6.74 -12.17 -1.96
N GLU E 34 5.77 -12.28 -2.87
CA GLU E 34 4.50 -12.91 -2.53
C GLU E 34 4.59 -14.44 -2.47
N VAL E 35 5.65 -15.02 -3.02
CA VAL E 35 5.85 -16.47 -2.90
C VAL E 35 6.21 -16.83 -1.46
N TRP E 36 7.05 -16.01 -0.82
CA TRP E 36 7.51 -16.24 0.54
C TRP E 36 6.60 -15.59 1.58
N GLY E 37 5.42 -15.10 1.19
CA GLY E 37 4.56 -14.42 2.13
C GLY E 37 4.07 -15.32 3.26
N ASP E 38 3.70 -16.55 2.93
CA ASP E 38 3.18 -17.51 3.90
C ASP E 38 4.20 -18.58 4.26
N GLU E 39 5.47 -18.20 4.38
CA GLU E 39 6.52 -19.17 4.66
C GLU E 39 6.31 -19.84 6.02
N GLN E 40 5.93 -19.07 7.03
CA GLN E 40 5.71 -19.61 8.37
C GLN E 40 4.25 -19.91 8.67
N ALA E 41 3.32 -19.18 8.05
CA ALA E 41 1.90 -19.41 8.30
C ALA E 41 1.46 -20.79 7.82
N ASP E 42 1.96 -21.24 6.67
CA ASP E 42 1.59 -22.53 6.12
C ASP E 42 2.59 -23.62 6.45
N PHE E 43 3.57 -23.34 7.31
CA PHE E 43 4.49 -24.37 7.77
C PHE E 43 3.77 -25.29 8.74
N VAL E 44 3.63 -26.57 8.38
CA VAL E 44 2.81 -27.52 9.12
C VAL E 44 3.70 -28.64 9.64
N CYS E 45 3.58 -28.94 10.94
CA CYS E 45 4.30 -30.03 11.57
C CYS E 45 3.30 -31.01 12.16
N ASN E 46 3.60 -32.30 12.07
CA ASN E 46 2.74 -33.37 12.57
C ASN E 46 3.09 -33.64 14.03
N THR E 47 2.58 -32.78 14.90
CA THR E 47 2.84 -32.92 16.33
C THR E 47 1.78 -32.15 17.11
N LEU E 48 1.66 -32.47 18.39
CA LEU E 48 0.82 -31.74 19.32
C LEU E 48 1.64 -30.96 20.35
N GLN E 49 2.95 -30.94 20.23
CA GLN E 49 3.80 -30.26 21.20
C GLN E 49 3.77 -28.76 20.95
N PRO E 50 3.36 -27.95 21.93
CA PRO E 50 3.39 -26.50 21.74
C PRO E 50 4.82 -26.00 21.61
N GLY E 51 5.03 -25.08 20.66
CA GLY E 51 6.34 -24.49 20.44
C GLY E 51 7.25 -25.26 19.52
N CYS E 52 6.87 -26.48 19.12
CA CYS E 52 7.72 -27.25 18.22
C CYS E 52 7.75 -26.65 16.83
N LYS E 53 6.63 -26.05 16.39
CA LYS E 53 6.59 -25.43 15.08
C LYS E 53 7.56 -24.26 14.98
N ASN E 54 7.64 -23.45 16.03
CA ASN E 54 8.52 -22.27 15.99
C ASN E 54 9.98 -22.67 15.90
N VAL E 55 10.41 -23.66 16.69
CA VAL E 55 11.83 -24.01 16.73
C VAL E 55 12.26 -24.70 15.44
N CYS E 56 11.38 -25.51 14.85
CA CYS E 56 11.76 -26.24 13.64
C CYS E 56 11.89 -25.31 12.45
N TYR E 57 10.97 -24.36 12.30
CA TYR E 57 11.08 -23.39 11.21
C TYR E 57 12.34 -22.55 11.36
N ASP E 58 12.64 -22.13 12.60
CA ASP E 58 13.84 -21.33 12.83
C ASP E 58 15.10 -22.15 12.56
N HIS E 59 15.08 -23.44 12.91
CA HIS E 59 16.26 -24.27 12.72
C HIS E 59 16.60 -24.45 11.24
N TYR E 60 15.59 -24.68 10.41
CA TYR E 60 15.81 -24.95 8.99
C TYR E 60 15.81 -23.70 8.13
N PHE E 61 15.31 -22.57 8.65
CA PHE E 61 15.29 -21.31 7.92
C PHE E 61 15.84 -20.21 8.83
N PRO E 62 17.16 -20.19 9.07
CA PRO E 62 17.72 -19.14 9.91
C PRO E 62 17.50 -17.74 9.35
N ILE E 63 17.51 -17.59 8.03
CA ILE E 63 17.17 -16.33 7.38
C ILE E 63 16.49 -16.66 6.06
N SER E 64 15.43 -15.92 5.74
CA SER E 64 14.64 -16.21 4.54
C SER E 64 15.46 -15.92 3.29
N HIS E 65 15.08 -16.61 2.20
CA HIS E 65 15.77 -16.42 0.93
C HIS E 65 15.61 -14.98 0.43
N ILE E 66 14.41 -14.41 0.57
CA ILE E 66 14.16 -13.06 0.08
C ILE E 66 15.00 -12.05 0.87
N ARG E 67 15.19 -12.28 2.16
CA ARG E 67 16.01 -11.38 2.96
C ARG E 67 17.47 -11.43 2.53
N LEU E 68 17.98 -12.63 2.22
CA LEU E 68 19.35 -12.74 1.74
C LEU E 68 19.53 -12.03 0.40
N TRP E 69 18.56 -12.18 -0.51
CA TRP E 69 18.64 -11.49 -1.79
C TRP E 69 18.55 -9.98 -1.61
N ALA E 70 17.69 -9.52 -0.68
CA ALA E 70 17.60 -8.10 -0.41
C ALA E 70 18.92 -7.55 0.12
N LEU E 71 19.57 -8.28 1.03
CA LEU E 71 20.87 -7.87 1.53
C LEU E 71 21.92 -7.87 0.41
N GLN E 72 21.89 -8.88 -0.45
CA GLN E 72 22.87 -8.98 -1.53
C GLN E 72 22.76 -7.80 -2.49
N LEU E 73 21.53 -7.42 -2.84
CA LEU E 73 21.36 -6.31 -3.78
C LEU E 73 21.85 -4.99 -3.19
N ILE E 74 21.59 -4.77 -1.90
CA ILE E 74 22.05 -3.56 -1.24
C ILE E 74 23.58 -3.51 -1.20
N PHE E 75 24.22 -4.64 -0.87
CA PHE E 75 25.67 -4.66 -0.76
C PHE E 75 26.33 -4.41 -2.12
N VAL E 76 25.80 -4.99 -3.19
CA VAL E 76 26.41 -4.83 -4.51
C VAL E 76 26.09 -3.50 -5.15
N SER E 77 25.10 -2.78 -4.63
CA SER E 77 24.76 -1.45 -5.15
C SER E 77 25.43 -0.32 -4.38
N THR E 78 26.17 -0.63 -3.32
CA THR E 78 26.84 0.39 -2.52
C THR E 78 28.12 0.90 -3.17
N PRO E 79 28.99 0.05 -3.76
CA PRO E 79 30.16 0.60 -4.47
C PRO E 79 29.78 1.55 -5.59
N ALA E 80 28.69 1.27 -6.31
CA ALA E 80 28.24 2.19 -7.34
C ALA E 80 27.80 3.52 -6.75
N LEU E 81 27.10 3.48 -5.62
CA LEU E 81 26.67 4.72 -4.97
C LEU E 81 27.87 5.50 -4.46
N LEU E 82 28.87 4.82 -3.91
CA LEU E 82 30.05 5.51 -3.40
C LEU E 82 30.82 6.20 -4.52
N VAL E 83 30.93 5.56 -5.68
CA VAL E 83 31.62 6.17 -6.81
C VAL E 83 30.91 7.45 -7.26
N ALA E 84 29.58 7.40 -7.31
CA ALA E 84 28.82 8.59 -7.71
C ALA E 84 29.04 9.74 -6.74
N MET E 85 29.04 9.45 -5.44
CA MET E 85 29.33 10.49 -4.45
C MET E 85 30.77 10.97 -4.56
N HIS E 86 31.70 10.05 -4.82
CA HIS E 86 33.11 10.41 -4.88
C HIS E 86 33.39 11.34 -6.05
N VAL E 87 32.85 11.03 -7.24
CA VAL E 87 33.10 11.86 -8.40
C VAL E 87 32.40 13.21 -8.25
N ALA E 88 31.22 13.22 -7.63
CA ALA E 88 30.53 14.48 -7.39
C ALA E 88 31.33 15.38 -6.45
N TYR E 89 31.95 14.78 -5.43
CA TYR E 89 32.78 15.55 -4.51
C TYR E 89 33.97 16.18 -5.24
N ARG E 90 34.62 15.40 -6.11
CA ARG E 90 35.76 15.93 -6.85
C ARG E 90 35.32 16.94 -7.90
N ARG E 91 34.20 16.66 -8.58
CA ARG E 91 33.72 17.57 -9.62
C ARG E 91 33.30 18.91 -9.02
N HIS E 92 32.64 18.88 -7.87
CA HIS E 92 32.16 20.13 -7.26
C HIS E 92 33.31 21.04 -6.88
N GLU E 93 34.39 20.47 -6.33
CA GLU E 93 35.55 21.26 -5.95
C GLU E 93 36.56 21.32 -7.09
N GLU E 94 43.74 10.91 -13.60
CA GLU E 94 43.51 9.56 -14.13
C GLU E 94 43.58 8.53 -13.02
N GLY E 95 44.63 8.61 -12.19
CA GLY E 95 44.82 7.63 -11.14
C GLY E 95 43.70 7.63 -10.11
N SER E 96 43.23 8.82 -9.73
CA SER E 96 42.18 8.92 -8.72
C SER E 96 40.90 8.24 -9.20
N LEU E 97 40.51 8.47 -10.46
CA LEU E 97 39.31 7.85 -10.98
C LEU E 97 39.51 6.37 -11.29
N TRP E 98 40.69 6.02 -11.81
CA TRP E 98 40.93 4.64 -12.22
C TRP E 98 40.95 3.70 -11.02
N TRP E 99 41.67 4.07 -9.97
CA TRP E 99 41.79 3.20 -8.81
C TRP E 99 40.44 2.98 -8.13
N THR E 100 39.64 4.04 -8.00
CA THR E 100 38.32 3.90 -7.39
C THR E 100 37.42 3.00 -8.22
N TYR E 101 37.48 3.14 -9.55
CA TYR E 101 36.61 2.36 -10.42
C TYR E 101 36.99 0.88 -10.40
N THR E 102 38.28 0.58 -10.50
CA THR E 102 38.71 -0.81 -10.52
C THR E 102 38.50 -1.49 -9.17
N SER E 103 38.52 -0.70 -8.09
CA SER E 103 38.27 -1.26 -6.77
C SER E 103 36.79 -1.55 -6.57
N SER E 104 35.92 -0.68 -7.09
CA SER E 104 34.49 -0.86 -6.90
C SER E 104 34.00 -2.16 -7.54
N ILE E 105 34.46 -2.47 -8.75
CA ILE E 105 34.06 -3.71 -9.38
C ILE E 105 34.65 -4.91 -8.66
N PHE E 106 35.83 -4.73 -8.04
CA PHE E 106 36.43 -5.83 -7.28
C PHE E 106 35.59 -6.18 -6.07
N PHE E 107 35.02 -5.17 -5.40
CA PHE E 107 34.17 -5.44 -4.24
C PHE E 107 32.87 -6.12 -4.66
N ARG E 108 32.36 -5.81 -5.85
CA ARG E 108 31.15 -6.46 -6.33
C ARG E 108 31.37 -7.95 -6.56
N VAL E 109 32.55 -8.33 -7.05
CA VAL E 109 32.82 -9.73 -7.32
C VAL E 109 32.81 -10.55 -6.04
N ILE E 110 33.51 -10.07 -5.01
CA ILE E 110 33.57 -10.81 -3.75
C ILE E 110 32.21 -10.82 -3.05
N PHE E 111 31.48 -9.71 -3.15
CA PHE E 111 30.14 -9.67 -2.56
C PHE E 111 29.21 -10.68 -3.22
N GLU E 112 29.26 -10.76 -4.55
CA GLU E 112 28.44 -11.76 -5.25
C GLU E 112 28.86 -13.17 -4.88
N ALA E 113 30.17 -13.42 -4.81
CA ALA E 113 30.65 -14.76 -4.46
C ALA E 113 30.31 -15.12 -3.02
N ALA E 114 30.41 -14.15 -2.10
CA ALA E 114 30.15 -14.44 -0.69
C ALA E 114 28.70 -14.86 -0.48
N PHE E 115 27.75 -14.07 -0.99
CA PHE E 115 26.34 -14.40 -0.82
C PHE E 115 25.98 -15.69 -1.54
N MET E 116 26.55 -15.92 -2.73
CA MET E 116 26.31 -17.17 -3.43
C MET E 116 26.85 -18.36 -2.63
N TYR E 117 28.01 -18.19 -2.00
CA TYR E 117 28.55 -19.24 -1.15
C TYR E 117 27.66 -19.48 0.07
N VAL E 118 27.14 -18.41 0.66
CA VAL E 118 26.29 -18.54 1.84
C VAL E 118 25.03 -19.33 1.50
N PHE E 119 24.46 -19.10 0.31
CA PHE E 119 23.26 -19.83 -0.09
C PHE E 119 23.52 -21.33 -0.15
N TYR E 120 24.67 -21.73 -0.68
CA TYR E 120 24.96 -23.15 -0.86
C TYR E 120 25.15 -23.85 0.48
N VAL E 121 25.97 -23.28 1.36
CA VAL E 121 26.28 -23.95 2.63
C VAL E 121 25.07 -23.96 3.55
N MET E 122 24.33 -22.85 3.61
CA MET E 122 23.23 -22.75 4.56
C MET E 122 22.10 -23.69 4.23
N TYR E 123 21.76 -23.82 2.95
CA TYR E 123 20.62 -24.63 2.52
C TYR E 123 21.02 -25.90 1.80
N ASP E 124 22.30 -26.29 1.88
CA ASP E 124 22.82 -27.54 1.28
C ASP E 124 22.25 -27.78 -0.11
N GLY E 125 22.43 -26.82 -1.00
CA GLY E 125 21.94 -26.89 -2.36
C GLY E 125 20.87 -25.86 -2.63
N PHE E 126 20.50 -25.80 -3.91
CA PHE E 126 19.51 -24.83 -4.39
C PHE E 126 18.12 -25.44 -4.55
N SER E 127 17.92 -26.67 -4.08
CA SER E 127 16.63 -27.34 -4.16
C SER E 127 16.00 -27.43 -2.78
N MET E 128 14.73 -27.04 -2.68
CA MET E 128 14.02 -27.06 -1.41
C MET E 128 13.16 -28.32 -1.32
N GLN E 129 13.25 -29.00 -0.18
CA GLN E 129 12.55 -30.26 0.01
C GLN E 129 11.16 -30.04 0.56
N ARG E 130 10.26 -30.97 0.22
CA ARG E 130 8.89 -30.92 0.77
C ARG E 130 8.88 -31.26 2.25
N LEU E 131 9.69 -32.22 2.66
CA LEU E 131 9.67 -32.75 4.02
C LEU E 131 10.99 -32.42 4.71
N VAL E 132 10.90 -31.95 5.95
CA VAL E 132 12.06 -31.71 6.80
C VAL E 132 11.84 -32.44 8.12
N LYS E 133 12.86 -33.13 8.59
CA LYS E 133 12.79 -33.88 9.84
C LYS E 133 13.48 -33.09 10.94
N CYS E 134 12.76 -32.85 12.03
CA CYS E 134 13.18 -31.93 13.07
C CYS E 134 13.18 -32.64 14.43
N ASN E 135 14.29 -32.50 15.16
CA ASN E 135 14.43 -33.16 16.47
C ASN E 135 14.91 -32.19 17.55
N ALA E 136 14.80 -30.88 17.30
CA ALA E 136 15.23 -29.91 18.28
C ALA E 136 14.23 -29.83 19.43
N TRP E 137 14.73 -29.48 20.62
CA TRP E 137 13.86 -29.31 21.76
C TRP E 137 12.87 -28.17 21.50
N PRO E 138 11.62 -28.27 21.97
CA PRO E 138 11.02 -29.35 22.76
C PRO E 138 10.30 -30.43 21.97
N CYS E 139 10.62 -30.57 20.68
CA CYS E 139 9.94 -31.58 19.87
C CYS E 139 10.32 -32.97 20.34
N PRO E 140 9.34 -33.84 20.64
CA PRO E 140 9.68 -35.20 21.08
C PRO E 140 10.17 -36.05 19.92
N ASN E 141 11.32 -36.70 20.11
CA ASN E 141 11.93 -37.59 19.11
C ASN E 141 12.12 -36.79 17.83
N THR E 142 11.68 -37.28 16.68
CA THR E 142 11.79 -36.57 15.41
C THR E 142 10.39 -36.28 14.88
N VAL E 143 10.17 -35.03 14.45
CA VAL E 143 8.87 -34.56 14.02
C VAL E 143 8.94 -34.19 12.54
N ASP E 144 7.97 -34.69 11.77
CA ASP E 144 7.90 -34.36 10.36
C ASP E 144 7.20 -33.02 10.16
N CYS E 145 7.84 -32.14 9.38
CA CYS E 145 7.29 -30.84 9.04
C CYS E 145 7.31 -30.66 7.53
N PHE E 146 6.37 -29.88 7.01
CA PHE E 146 6.19 -29.72 5.58
C PHE E 146 6.32 -28.24 5.22
N VAL E 147 7.03 -27.99 4.11
CA VAL E 147 7.32 -26.63 3.66
C VAL E 147 6.23 -26.18 2.69
N SER E 148 6.00 -24.87 2.65
CA SER E 148 5.00 -24.29 1.76
C SER E 148 5.64 -23.89 0.44
N ARG E 149 5.00 -24.30 -0.66
CA ARG E 149 5.45 -23.99 -2.01
C ARG E 149 6.93 -24.33 -2.25
N PRO E 150 7.34 -25.58 -2.01
CA PRO E 150 8.76 -25.93 -2.24
C PRO E 150 9.18 -25.83 -3.70
N THR E 151 8.30 -26.17 -4.64
CA THR E 151 8.69 -26.18 -6.05
C THR E 151 8.84 -24.76 -6.59
N GLU E 152 7.88 -23.89 -6.28
CA GLU E 152 7.94 -22.52 -6.79
C GLU E 152 9.15 -21.77 -6.24
N LYS E 153 9.47 -21.99 -4.97
CA LYS E 153 10.67 -21.37 -4.40
C LYS E 153 11.93 -21.90 -5.03
N THR E 154 11.94 -23.18 -5.43
CA THR E 154 13.10 -23.74 -6.11
C THR E 154 13.30 -23.08 -7.48
N VAL E 155 12.22 -22.81 -8.20
CA VAL E 155 12.33 -22.20 -9.52
C VAL E 155 12.96 -20.81 -9.43
N PHE E 156 12.50 -20.01 -8.46
CA PHE E 156 13.06 -18.68 -8.29
C PHE E 156 14.47 -18.72 -7.73
N THR E 157 14.78 -19.71 -6.89
CA THR E 157 16.13 -19.83 -6.34
C THR E 157 17.14 -20.10 -7.44
N VAL E 158 16.82 -21.03 -8.35
CA VAL E 158 17.71 -21.30 -9.48
C VAL E 158 17.80 -20.09 -10.39
N PHE E 159 16.67 -19.40 -10.58
CA PHE E 159 16.65 -18.23 -11.44
C PHE E 159 17.55 -17.11 -10.91
N MET E 160 17.46 -16.85 -9.60
CA MET E 160 18.28 -15.79 -9.01
C MET E 160 19.76 -16.16 -9.01
N ILE E 161 20.09 -17.42 -8.74
CA ILE E 161 21.50 -17.84 -8.72
C ILE E 161 22.11 -17.73 -10.12
N ALA E 162 21.37 -18.15 -11.15
CA ALA E 162 21.90 -18.12 -12.51
C ALA E 162 22.19 -16.70 -12.96
N VAL E 163 21.29 -15.75 -12.67
CA VAL E 163 21.52 -14.36 -13.05
C VAL E 163 22.71 -13.79 -12.29
N SER E 164 22.82 -14.10 -11.00
CA SER E 164 23.96 -13.63 -10.22
C SER E 164 25.27 -14.18 -10.74
N GLY E 165 25.29 -15.45 -11.17
CA GLY E 165 26.48 -16.02 -11.77
C GLY E 165 26.87 -15.36 -13.07
N ILE E 166 25.90 -14.93 -13.87
CA ILE E 166 26.20 -14.20 -15.10
C ILE E 166 26.86 -12.86 -14.78
N CYS E 167 26.35 -12.16 -13.76
CA CYS E 167 26.94 -10.89 -13.35
C CYS E 167 28.38 -11.03 -12.88
N ILE E 168 28.73 -12.18 -12.29
CA ILE E 168 30.12 -12.41 -11.89
C ILE E 168 31.02 -12.48 -13.12
N LEU E 169 30.57 -13.19 -14.16
CA LEU E 169 31.38 -13.33 -15.36
C LEU E 169 31.60 -11.99 -16.04
N LEU E 170 30.57 -11.15 -16.09
CA LEU E 170 30.71 -9.84 -16.71
C LEU E 170 31.72 -8.98 -15.96
N ASN E 171 31.68 -9.01 -14.63
CA ASN E 171 32.64 -8.25 -13.83
C ASN E 171 34.05 -8.81 -14.00
N VAL E 172 34.18 -10.13 -14.11
CA VAL E 172 35.50 -10.72 -14.32
C VAL E 172 36.08 -10.28 -15.66
N THR E 173 35.27 -10.29 -16.71
CA THR E 173 35.74 -9.80 -18.00
C THR E 173 36.00 -8.30 -17.97
N GLU E 174 35.28 -7.57 -17.11
CA GLU E 174 35.55 -6.14 -16.96
C GLU E 174 36.96 -5.90 -16.42
N LEU E 175 37.39 -6.72 -15.46
CA LEU E 175 38.76 -6.62 -14.97
C LEU E 175 39.77 -6.95 -16.06
N CYS E 176 39.44 -7.92 -16.92
CA CYS E 176 40.36 -8.33 -17.98
C CYS E 176 40.61 -7.19 -18.96
N TYR E 177 39.57 -6.42 -19.30
CA TYR E 177 39.75 -5.30 -20.21
C TYR E 177 40.71 -4.27 -19.64
N LEU E 178 40.56 -3.95 -18.36
CA LEU E 178 41.44 -2.96 -17.74
C LEU E 178 42.82 -3.53 -17.47
N LEU E 179 42.90 -4.84 -17.20
CA LEU E 179 44.19 -5.45 -16.91
C LEU E 179 45.14 -5.37 -18.10
N ILE E 180 44.65 -5.72 -19.29
CA ILE E 180 45.51 -5.73 -20.47
C ILE E 180 45.85 -4.30 -20.90
N ARG E 181 44.90 -3.37 -20.76
CA ARG E 181 45.13 -2.00 -21.21
C ARG E 181 46.07 -1.27 -20.26
N TYR E 182 46.04 -1.62 -18.98
CA TYR E 182 46.84 -0.94 -17.94
C TYR E 182 46.55 0.56 -17.92
N ILE F 1 8.76 6.99 -18.86
CA ILE F 1 8.96 5.56 -18.81
C ILE F 1 8.72 4.94 -20.19
N LEU F 2 7.45 4.84 -20.57
CA LEU F 2 7.11 4.28 -21.88
C LEU F 2 7.41 5.26 -23.01
N GLY F 3 7.56 6.55 -22.68
CA GLY F 3 7.83 7.54 -23.71
C GLY F 3 9.15 7.33 -24.42
N GLY F 4 10.20 6.99 -23.67
CA GLY F 4 11.51 6.76 -24.26
C GLY F 4 11.55 5.57 -25.19
N VAL F 5 10.93 4.45 -24.76
CA VAL F 5 10.91 3.24 -25.58
C VAL F 5 9.94 3.33 -26.74
N ASN F 6 9.03 4.31 -26.73
CA ASN F 6 8.05 4.44 -27.80
C ASN F 6 8.64 4.94 -29.10
N LYS F 7 9.90 5.37 -29.11
CA LYS F 7 10.50 5.98 -30.28
C LYS F 7 11.23 4.93 -31.12
N HIS F 8 11.45 5.27 -32.39
CA HIS F 8 12.18 4.44 -33.34
C HIS F 8 11.54 3.06 -33.50
N SER F 9 10.32 3.08 -34.03
CA SER F 9 9.56 1.86 -34.28
C SER F 9 8.82 2.00 -35.60
N THR F 10 8.44 0.85 -36.18
CA THR F 10 7.79 0.82 -37.47
C THR F 10 6.30 1.13 -37.34
N SER F 11 5.54 0.94 -38.44
CA SER F 11 4.14 1.35 -38.50
C SER F 11 3.28 0.69 -37.42
N ILE F 12 3.36 -0.63 -37.30
CA ILE F 12 2.49 -1.36 -36.37
C ILE F 12 3.19 -1.57 -35.03
N GLY F 13 4.52 -1.64 -35.06
CA GLY F 13 5.26 -1.84 -33.82
C GLY F 13 5.25 -0.65 -32.90
N LYS F 14 5.02 0.55 -33.43
CA LYS F 14 5.03 1.75 -32.61
C LYS F 14 3.74 1.93 -31.82
N ILE F 15 2.61 1.45 -32.35
CA ILE F 15 1.30 1.70 -31.77
C ILE F 15 0.66 0.42 -31.24
N TRP F 16 0.41 -0.55 -32.13
CA TRP F 16 -0.35 -1.73 -31.74
C TRP F 16 0.43 -2.61 -30.76
N LEU F 17 1.72 -2.82 -31.02
CA LEU F 17 2.51 -3.64 -30.11
C LEU F 17 2.71 -2.98 -28.74
N THR F 18 2.60 -1.66 -28.67
CA THR F 18 2.78 -0.98 -27.39
C THR F 18 1.52 -0.99 -26.55
N VAL F 19 0.36 -0.74 -27.17
CA VAL F 19 -0.88 -0.71 -26.41
C VAL F 19 -1.24 -2.10 -25.90
N LEU F 20 -0.98 -3.14 -26.71
CA LEU F 20 -1.23 -4.50 -26.25
C LEU F 20 -0.34 -4.87 -25.08
N PHE F 21 0.93 -4.44 -25.11
CA PHE F 21 1.82 -4.70 -23.98
C PHE F 21 1.31 -3.99 -22.73
N ILE F 22 0.86 -2.74 -22.87
CA ILE F 22 0.21 -2.05 -21.75
C ILE F 22 -1.09 -2.74 -21.38
N PHE F 23 -1.81 -3.26 -22.38
CA PHE F 23 -3.08 -3.94 -22.12
C PHE F 23 -2.88 -5.15 -21.21
N ARG F 24 -1.85 -5.96 -21.47
CA ARG F 24 -1.59 -7.14 -20.66
C ARG F 24 -1.17 -6.75 -19.24
N ILE F 25 -0.38 -5.68 -19.10
CA ILE F 25 0.07 -5.24 -17.78
C ILE F 25 -1.12 -4.82 -16.92
N MET F 26 -2.05 -4.06 -17.51
CA MET F 26 -3.19 -3.57 -16.75
C MET F 26 -4.07 -4.71 -16.25
N ILE F 27 -4.30 -5.72 -17.09
CA ILE F 27 -5.09 -6.87 -16.68
C ILE F 27 -4.45 -7.58 -15.50
N LEU F 28 -3.11 -7.66 -15.51
CA LEU F 28 -2.40 -8.43 -14.50
C LEU F 28 -2.45 -7.76 -13.13
N VAL F 29 -2.28 -6.44 -13.09
CA VAL F 29 -2.07 -5.77 -11.80
C VAL F 29 -3.40 -5.45 -11.12
N VAL F 30 -4.34 -4.88 -11.87
CA VAL F 30 -5.58 -4.39 -11.23
C VAL F 30 -6.65 -5.46 -11.16
N ALA F 31 -6.59 -6.50 -11.98
CA ALA F 31 -7.64 -7.51 -12.01
C ALA F 31 -7.14 -8.90 -11.63
N ALA F 32 -6.07 -9.37 -12.27
CA ALA F 32 -5.66 -10.77 -12.12
C ALA F 32 -5.04 -11.07 -10.77
N LYS F 33 -4.31 -10.12 -10.17
CA LYS F 33 -3.57 -10.42 -8.96
C LYS F 33 -4.46 -10.77 -7.78
N GLU F 34 -5.59 -10.10 -7.61
CA GLU F 34 -6.49 -10.39 -6.52
C GLU F 34 -7.31 -11.66 -6.72
N VAL F 35 -7.37 -12.17 -7.95
CA VAL F 35 -8.04 -13.44 -8.20
C VAL F 35 -7.22 -14.59 -7.62
N TRP F 36 -5.90 -14.53 -7.76
CA TRP F 36 -5.00 -15.57 -7.26
C TRP F 36 -4.53 -15.30 -5.84
N GLY F 37 -5.14 -14.35 -5.13
CA GLY F 37 -4.68 -14.03 -3.79
C GLY F 37 -4.84 -15.18 -2.81
N ASP F 38 -5.97 -15.89 -2.88
CA ASP F 38 -6.27 -16.99 -1.98
C ASP F 38 -6.12 -18.34 -2.66
N GLU F 39 -5.11 -18.50 -3.51
CA GLU F 39 -4.93 -19.74 -4.25
C GLU F 39 -4.66 -20.92 -3.32
N GLN F 40 -3.84 -20.71 -2.29
CA GLN F 40 -3.52 -21.77 -1.34
C GLN F 40 -4.36 -21.71 -0.07
N ALA F 41 -4.79 -20.52 0.33
CA ALA F 41 -5.59 -20.41 1.55
C ALA F 41 -6.94 -21.12 1.42
N ASP F 42 -7.58 -21.04 0.27
CA ASP F 42 -8.88 -21.66 0.04
C ASP F 42 -8.76 -23.01 -0.64
N PHE F 43 -7.55 -23.54 -0.80
CA PHE F 43 -7.37 -24.87 -1.35
C PHE F 43 -7.77 -25.90 -0.28
N VAL F 44 -8.80 -26.69 -0.57
CA VAL F 44 -9.41 -27.58 0.42
C VAL F 44 -9.26 -29.02 -0.07
N CYS F 45 -8.77 -29.89 0.81
CA CYS F 45 -8.65 -31.31 0.53
C CYS F 45 -9.46 -32.09 1.56
N ASN F 46 -10.10 -33.16 1.10
CA ASN F 46 -10.94 -34.00 1.96
C ASN F 46 -10.06 -35.09 2.58
N THR F 47 -9.33 -34.72 3.63
CA THR F 47 -8.45 -35.65 4.33
C THR F 47 -8.15 -35.11 5.71
N LEU F 48 -7.67 -36.00 6.57
CA LEU F 48 -7.18 -35.64 7.90
C LEU F 48 -5.67 -35.80 8.02
N GLN F 49 -4.99 -36.12 6.93
CA GLN F 49 -3.54 -36.35 6.97
C GLN F 49 -2.81 -35.02 7.02
N PRO F 50 -2.00 -34.75 8.05
CA PRO F 50 -1.23 -33.50 8.09
C PRO F 50 -0.20 -33.47 6.96
N GLY F 51 -0.09 -32.32 6.31
CA GLY F 51 0.87 -32.13 5.25
C GLY F 51 0.40 -32.54 3.87
N CYS F 52 -0.75 -33.20 3.76
CA CYS F 52 -1.25 -33.61 2.45
C CYS F 52 -1.68 -32.41 1.62
N LYS F 53 -2.21 -31.36 2.27
CA LYS F 53 -2.62 -30.17 1.54
C LYS F 53 -1.43 -29.48 0.87
N ASN F 54 -0.30 -29.40 1.58
CA ASN F 54 0.87 -28.72 1.02
C ASN F 54 1.42 -29.44 -0.20
N VAL F 55 1.51 -30.77 -0.15
CA VAL F 55 2.14 -31.50 -1.25
C VAL F 55 1.23 -31.52 -2.48
N CYS F 56 -0.09 -31.58 -2.28
CA CYS F 56 -1.00 -31.65 -3.42
C CYS F 56 -1.05 -30.33 -4.17
N TYR F 57 -1.10 -29.22 -3.44
CA TYR F 57 -1.08 -27.92 -4.10
C TYR F 57 0.21 -27.71 -4.86
N ASP F 58 1.33 -28.10 -4.27
CA ASP F 58 2.62 -27.97 -4.94
C ASP F 58 2.70 -28.85 -6.18
N HIS F 59 2.13 -30.06 -6.09
CA HIS F 59 2.18 -30.98 -7.22
C HIS F 59 1.42 -30.45 -8.42
N TYR F 60 0.24 -29.90 -8.21
CA TYR F 60 -0.60 -29.45 -9.31
C TYR F 60 -0.36 -28.00 -9.70
N PHE F 61 0.32 -27.22 -8.86
CA PHE F 61 0.65 -25.83 -9.16
C PHE F 61 2.12 -25.59 -8.87
N PRO F 62 3.01 -26.11 -9.72
CA PRO F 62 4.45 -25.88 -9.50
C PRO F 62 4.83 -24.40 -9.52
N ILE F 63 4.17 -23.60 -10.35
CA ILE F 63 4.34 -22.15 -10.35
C ILE F 63 3.00 -21.52 -10.70
N SER F 64 2.66 -20.44 -9.99
CA SER F 64 1.36 -19.81 -10.19
C SER F 64 1.26 -19.18 -11.58
N HIS F 65 0.02 -19.05 -12.06
CA HIS F 65 -0.20 -18.43 -13.36
C HIS F 65 0.26 -16.98 -13.39
N ILE F 66 0.01 -16.24 -12.31
CA ILE F 66 0.39 -14.83 -12.27
C ILE F 66 1.91 -14.69 -12.30
N ARG F 67 2.62 -15.61 -11.65
CA ARG F 67 4.09 -15.54 -11.67
C ARG F 67 4.62 -15.82 -13.07
N LEU F 68 4.03 -16.77 -13.79
CA LEU F 68 4.46 -17.03 -15.16
C LEU F 68 4.22 -15.82 -16.06
N TRP F 69 3.06 -15.17 -15.91
CA TRP F 69 2.78 -13.98 -16.70
C TRP F 69 3.72 -12.84 -16.32
N ALA F 70 4.05 -12.70 -15.04
CA ALA F 70 4.99 -11.67 -14.62
C ALA F 70 6.37 -11.91 -15.24
N LEU F 71 6.82 -13.18 -15.24
CA LEU F 71 8.10 -13.50 -15.88
C LEU F 71 8.05 -13.24 -17.38
N GLN F 72 6.93 -13.59 -18.03
CA GLN F 72 6.81 -13.40 -19.47
C GLN F 72 6.90 -11.93 -19.86
N LEU F 73 6.22 -11.06 -19.09
CA LEU F 73 6.24 -9.64 -19.42
C LEU F 73 7.64 -9.05 -19.26
N ILE F 74 8.37 -9.47 -18.23
CA ILE F 74 9.73 -8.98 -18.03
C ILE F 74 10.64 -9.43 -19.16
N PHE F 75 10.52 -10.70 -19.57
CA PHE F 75 11.38 -11.22 -20.62
C PHE F 75 11.13 -10.52 -21.95
N VAL F 76 9.87 -10.27 -22.29
CA VAL F 76 9.56 -9.64 -23.58
C VAL F 76 9.79 -8.15 -23.57
N SER F 77 9.96 -7.52 -22.41
CA SER F 77 10.26 -6.10 -22.31
C SER F 77 11.75 -5.81 -22.21
N THR F 78 12.59 -6.83 -22.15
CA THR F 78 14.03 -6.65 -22.04
C THR F 78 14.70 -6.28 -23.36
N PRO F 79 14.33 -6.92 -24.50
CA PRO F 79 14.92 -6.48 -25.77
C PRO F 79 14.63 -5.02 -26.08
N ALA F 80 13.43 -4.53 -25.73
CA ALA F 80 13.11 -3.12 -25.94
C ALA F 80 14.01 -2.24 -25.07
N LEU F 81 14.23 -2.64 -23.82
CA LEU F 81 15.10 -1.86 -22.93
C LEU F 81 16.53 -1.86 -23.44
N LEU F 82 17.01 -3.00 -23.94
CA LEU F 82 18.38 -3.09 -24.44
C LEU F 82 18.58 -2.19 -25.65
N VAL F 83 17.59 -2.12 -26.54
CA VAL F 83 17.69 -1.26 -27.72
C VAL F 83 17.80 0.20 -27.30
N ALA F 84 16.99 0.61 -26.32
CA ALA F 84 17.03 2.00 -25.86
C ALA F 84 18.39 2.34 -25.27
N MET F 85 18.97 1.43 -24.48
CA MET F 85 20.31 1.67 -23.96
C MET F 85 21.35 1.66 -25.08
N HIS F 86 21.19 0.77 -26.06
CA HIS F 86 22.16 0.66 -27.14
C HIS F 86 22.19 1.93 -27.98
N VAL F 87 21.03 2.45 -28.35
CA VAL F 87 20.99 3.66 -29.18
C VAL F 87 21.48 4.86 -28.39
N ALA F 88 21.18 4.91 -27.09
CA ALA F 88 21.67 6.01 -26.27
C ALA F 88 23.19 5.97 -26.17
N TYR F 89 23.78 4.78 -26.07
CA TYR F 89 25.23 4.66 -26.04
C TYR F 89 25.85 5.17 -27.33
N ARG F 90 25.26 4.81 -28.47
CA ARG F 90 25.80 5.27 -29.75
C ARG F 90 25.54 6.75 -29.96
N ARG F 91 24.35 7.23 -29.57
CA ARG F 91 24.02 8.65 -29.74
C ARG F 91 24.92 9.53 -28.89
N HIS F 92 25.19 9.12 -27.65
CA HIS F 92 26.01 9.94 -26.76
C HIS F 92 27.42 10.11 -27.29
N GLU F 93 28.01 9.04 -27.83
CA GLU F 93 29.35 9.11 -28.40
C GLU F 93 29.30 9.45 -29.88
N GLU F 94 23.47 2.33 -40.72
CA GLU F 94 22.24 1.61 -41.03
C GLU F 94 22.31 0.18 -40.51
N GLY F 95 23.42 -0.50 -40.78
CA GLY F 95 23.54 -1.89 -40.38
C GLY F 95 23.50 -2.08 -38.88
N SER F 96 24.17 -1.18 -38.14
CA SER F 96 24.20 -1.31 -36.68
C SER F 96 22.81 -1.22 -36.08
N LEU F 97 22.01 -0.27 -36.56
CA LEU F 97 20.65 -0.11 -36.02
C LEU F 97 19.72 -1.19 -36.56
N TRP F 98 19.88 -1.56 -37.83
CA TRP F 98 18.95 -2.52 -38.45
C TRP F 98 19.10 -3.90 -37.82
N TRP F 99 20.33 -4.38 -37.65
CA TRP F 99 20.55 -5.71 -37.12
C TRP F 99 20.05 -5.83 -35.67
N THR F 100 20.29 -4.80 -34.86
CA THR F 100 19.82 -4.83 -33.48
C THR F 100 18.29 -4.83 -33.42
N TYR F 101 17.65 -4.05 -34.29
CA TYR F 101 16.19 -3.95 -34.26
C TYR F 101 15.55 -5.25 -34.71
N THR F 102 16.04 -5.85 -35.81
CA THR F 102 15.44 -7.07 -36.31
C THR F 102 15.71 -8.24 -35.38
N SER F 103 16.81 -8.19 -34.63
CA SER F 103 17.08 -9.25 -33.66
C SER F 103 16.20 -9.14 -32.43
N SER F 104 15.91 -7.90 -32.00
CA SER F 104 15.11 -7.70 -30.80
C SER F 104 13.70 -8.26 -30.98
N ILE F 105 13.09 -8.01 -32.14
CA ILE F 105 11.75 -8.55 -32.39
C ILE F 105 11.79 -10.07 -32.52
N PHE F 106 12.92 -10.61 -33.00
CA PHE F 106 13.04 -12.06 -33.11
C PHE F 106 13.06 -12.71 -31.75
N PHE F 107 13.72 -12.09 -30.77
CA PHE F 107 13.75 -12.63 -29.41
C PHE F 107 12.37 -12.57 -28.76
N ARG F 108 11.58 -11.54 -29.10
CA ARG F 108 10.24 -11.44 -28.54
C ARG F 108 9.34 -12.57 -29.03
N VAL F 109 9.51 -12.98 -30.29
CA VAL F 109 8.67 -14.04 -30.84
C VAL F 109 8.92 -15.36 -30.12
N ILE F 110 10.19 -15.72 -29.94
CA ILE F 110 10.50 -16.99 -29.28
C ILE F 110 10.14 -16.95 -27.81
N PHE F 111 10.31 -15.78 -27.17
CA PHE F 111 9.92 -15.65 -25.76
C PHE F 111 8.42 -15.82 -25.60
N GLU F 112 7.62 -15.21 -26.48
CA GLU F 112 6.18 -15.40 -26.42
C GLU F 112 5.79 -16.84 -26.67
N ALA F 113 6.43 -17.48 -27.66
CA ALA F 113 6.12 -18.87 -27.97
C ALA F 113 6.53 -19.81 -26.84
N ALA F 114 7.69 -19.54 -26.21
CA ALA F 114 8.17 -20.43 -25.16
C ALA F 114 7.23 -20.42 -23.96
N PHE F 115 6.87 -19.24 -23.47
CA PHE F 115 5.97 -19.16 -22.32
C PHE F 115 4.59 -19.71 -22.65
N MET F 116 4.10 -19.44 -23.87
CA MET F 116 2.82 -20.00 -24.28
C MET F 116 2.88 -21.52 -24.33
N TYR F 117 4.00 -22.07 -24.80
CA TYR F 117 4.17 -23.52 -24.80
C TYR F 117 4.22 -24.08 -23.38
N VAL F 118 4.90 -23.36 -22.47
CA VAL F 118 5.01 -23.83 -21.09
C VAL F 118 3.63 -23.90 -20.43
N PHE F 119 2.78 -22.92 -20.72
CA PHE F 119 1.43 -22.93 -20.14
C PHE F 119 0.65 -24.17 -20.56
N TYR F 120 0.77 -24.57 -21.82
CA TYR F 120 -0.01 -25.69 -22.32
C TYR F 120 0.44 -27.01 -21.71
N VAL F 121 1.76 -27.26 -21.70
CA VAL F 121 2.25 -28.55 -21.23
C VAL F 121 2.11 -28.67 -19.72
N MET F 122 2.38 -27.58 -18.98
CA MET F 122 2.36 -27.66 -17.52
C MET F 122 0.95 -27.89 -16.98
N TYR F 123 -0.04 -27.22 -17.55
CA TYR F 123 -1.40 -27.29 -17.05
C TYR F 123 -2.34 -28.06 -17.96
N ASP F 124 -1.81 -28.81 -18.93
CA ASP F 124 -2.59 -29.64 -19.86
C ASP F 124 -3.86 -28.94 -20.33
N GLY F 125 -3.69 -27.77 -20.91
CA GLY F 125 -4.80 -26.98 -21.41
C GLY F 125 -4.95 -25.67 -20.65
N PHE F 126 -5.86 -24.85 -21.15
CA PHE F 126 -6.12 -23.52 -20.59
C PHE F 126 -7.35 -23.50 -19.70
N SER F 127 -7.93 -24.66 -19.40
CA SER F 127 -9.11 -24.76 -18.54
C SER F 127 -8.72 -25.36 -17.19
N MET F 128 -9.16 -24.72 -16.12
CA MET F 128 -8.84 -25.17 -14.77
C MET F 128 -10.01 -25.96 -14.21
N GLN F 129 -9.71 -27.12 -13.63
CA GLN F 129 -10.75 -28.01 -13.13
C GLN F 129 -11.09 -27.70 -11.68
N ARG F 130 -12.35 -27.98 -11.31
CA ARG F 130 -12.77 -27.81 -9.93
C ARG F 130 -12.13 -28.84 -9.02
N LEU F 131 -12.01 -30.08 -9.49
CA LEU F 131 -11.54 -31.20 -8.69
C LEU F 131 -10.21 -31.70 -9.21
N VAL F 132 -9.28 -31.95 -8.30
CA VAL F 132 -7.99 -32.55 -8.62
C VAL F 132 -7.79 -33.75 -7.71
N LYS F 133 -7.35 -34.87 -8.28
CA LYS F 133 -7.11 -36.09 -7.52
C LYS F 133 -5.62 -36.24 -7.25
N CYS F 134 -5.26 -36.39 -5.98
CA CYS F 134 -3.88 -36.33 -5.53
C CYS F 134 -3.54 -37.60 -4.77
N ASN F 135 -2.40 -38.22 -5.13
CA ASN F 135 -1.95 -39.45 -4.49
C ASN F 135 -0.50 -39.38 -4.06
N ALA F 136 0.08 -38.18 -3.99
CA ALA F 136 1.47 -38.06 -3.57
C ALA F 136 1.61 -38.28 -2.07
N TRP F 137 2.77 -38.77 -1.66
CA TRP F 137 3.04 -38.97 -0.24
C TRP F 137 3.01 -37.63 0.48
N PRO F 138 2.50 -37.57 1.72
CA PRO F 138 1.98 -38.65 2.55
C PRO F 138 0.48 -38.87 2.47
N CYS F 139 -0.17 -38.42 1.40
CA CYS F 139 -1.61 -38.58 1.28
C CYS F 139 -1.96 -40.06 1.13
N PRO F 140 -2.85 -40.61 1.95
CA PRO F 140 -3.21 -42.03 1.82
C PRO F 140 -4.11 -42.25 0.62
N ASN F 141 -3.72 -43.21 -0.22
CA ASN F 141 -4.47 -43.59 -1.43
C ASN F 141 -4.63 -42.35 -2.30
N THR F 142 -5.83 -42.01 -2.74
CA THR F 142 -6.08 -40.82 -3.55
C THR F 142 -7.00 -39.88 -2.77
N VAL F 143 -6.63 -38.61 -2.74
CA VAL F 143 -7.34 -37.60 -1.95
C VAL F 143 -7.93 -36.56 -2.90
N ASP F 144 -9.21 -36.25 -2.71
CA ASP F 144 -9.88 -35.24 -3.50
C ASP F 144 -9.58 -33.85 -2.94
N CYS F 145 -9.14 -32.94 -3.82
CA CYS F 145 -8.89 -31.55 -3.45
C CYS F 145 -9.63 -30.64 -4.41
N PHE F 146 -10.00 -29.46 -3.91
CA PHE F 146 -10.83 -28.52 -4.66
C PHE F 146 -10.09 -27.20 -4.83
N VAL F 147 -10.17 -26.64 -6.03
CA VAL F 147 -9.47 -25.41 -6.39
C VAL F 147 -10.37 -24.21 -6.10
N SER F 148 -9.76 -23.08 -5.81
CA SER F 148 -10.48 -21.85 -5.53
C SER F 148 -10.65 -21.03 -6.80
N ARG F 149 -11.87 -20.59 -7.06
CA ARG F 149 -12.21 -19.78 -8.23
C ARG F 149 -11.72 -20.39 -9.55
N PRO F 150 -12.08 -21.63 -9.86
CA PRO F 150 -11.61 -22.22 -11.12
C PRO F 150 -12.16 -21.52 -12.36
N THR F 151 -13.40 -21.03 -12.33
CA THR F 151 -13.99 -20.42 -13.52
C THR F 151 -13.38 -19.06 -13.81
N GLU F 152 -13.22 -18.22 -12.77
CA GLU F 152 -12.67 -16.88 -12.98
C GLU F 152 -11.23 -16.95 -13.47
N LYS F 153 -10.45 -17.88 -12.94
CA LYS F 153 -9.08 -18.05 -13.42
C LYS F 153 -9.04 -18.53 -14.86
N THR F 154 -10.01 -19.35 -15.26
CA THR F 154 -10.10 -19.79 -16.65
C THR F 154 -10.36 -18.63 -17.59
N VAL F 155 -11.23 -17.70 -17.18
CA VAL F 155 -11.57 -16.56 -18.03
C VAL F 155 -10.34 -15.70 -18.29
N PHE F 156 -9.56 -15.43 -17.23
CA PHE F 156 -8.37 -14.61 -17.39
C PHE F 156 -7.26 -15.38 -18.12
N THR F 157 -7.19 -16.70 -17.94
CA THR F 157 -6.19 -17.48 -18.65
C THR F 157 -6.41 -17.43 -20.15
N VAL F 158 -7.66 -17.61 -20.58
CA VAL F 158 -7.96 -17.52 -22.01
C VAL F 158 -7.73 -16.10 -22.51
N PHE F 159 -8.06 -15.10 -21.69
CA PHE F 159 -7.87 -13.71 -22.09
C PHE F 159 -6.40 -13.39 -22.30
N MET F 160 -5.54 -13.83 -21.37
CA MET F 160 -4.11 -13.55 -21.51
C MET F 160 -3.49 -14.29 -22.68
N ILE F 161 -3.90 -15.53 -22.92
CA ILE F 161 -3.34 -16.30 -24.03
C ILE F 161 -3.73 -15.68 -25.36
N ALA F 162 -4.99 -15.25 -25.49
CA ALA F 162 -5.45 -14.68 -26.76
C ALA F 162 -4.70 -13.40 -27.10
N VAL F 163 -4.48 -12.53 -26.11
CA VAL F 163 -3.75 -11.29 -26.37
C VAL F 163 -2.31 -11.59 -26.73
N SER F 164 -1.68 -12.55 -26.04
CA SER F 164 -0.31 -12.93 -26.35
C SER F 164 -0.20 -13.50 -27.76
N GLY F 165 -1.19 -14.28 -28.19
CA GLY F 165 -1.20 -14.80 -29.54
C GLY F 165 -1.33 -13.72 -30.60
N ILE F 166 -2.08 -12.65 -30.31
CA ILE F 166 -2.18 -11.53 -31.22
C ILE F 166 -0.83 -10.83 -31.37
N CYS F 167 -0.12 -10.66 -30.26
CA CYS F 167 1.20 -10.02 -30.29
C CYS F 167 2.19 -10.83 -31.12
N ILE F 168 2.06 -12.15 -31.14
CA ILE F 168 2.94 -12.97 -31.98
C ILE F 168 2.70 -12.67 -33.45
N LEU F 169 1.43 -12.55 -33.85
CA LEU F 169 1.12 -12.29 -35.26
C LEU F 169 1.64 -10.93 -35.70
N LEU F 170 1.53 -9.92 -34.84
CA LEU F 170 2.03 -8.59 -35.18
C LEU F 170 3.54 -8.61 -35.38
N ASN F 171 4.26 -9.33 -34.50
CA ASN F 171 5.71 -9.42 -34.65
C ASN F 171 6.09 -10.20 -35.90
N VAL F 172 5.32 -11.25 -36.23
CA VAL F 172 5.59 -12.02 -37.44
C VAL F 172 5.42 -11.14 -38.67
N THR F 173 4.34 -10.35 -38.72
CA THR F 173 4.15 -9.43 -39.84
C THR F 173 5.21 -8.33 -39.84
N GLU F 174 5.73 -7.98 -38.67
CA GLU F 174 6.82 -7.00 -38.60
C GLU F 174 8.06 -7.52 -39.31
N LEU F 175 8.38 -8.81 -39.13
CA LEU F 175 9.49 -9.41 -39.86
C LEU F 175 9.24 -9.41 -41.36
N CYS F 176 7.98 -9.63 -41.77
CA CYS F 176 7.65 -9.69 -43.18
C CYS F 176 7.91 -8.34 -43.87
N TYR F 177 7.58 -7.24 -43.19
CA TYR F 177 7.82 -5.92 -43.77
C TYR F 177 9.31 -5.69 -44.02
N LEU F 178 10.14 -6.06 -43.06
CA LEU F 178 11.58 -5.86 -43.21
C LEU F 178 12.19 -6.88 -44.18
N LEU F 179 11.61 -8.09 -44.23
CA LEU F 179 12.15 -9.13 -45.10
C LEU F 179 12.04 -8.73 -46.57
N ILE F 180 10.87 -8.24 -46.99
CA ILE F 180 10.69 -7.90 -48.40
C ILE F 180 11.46 -6.64 -48.76
N ARG F 181 11.56 -5.69 -47.84
CA ARG F 181 12.25 -4.44 -48.13
C ARG F 181 13.76 -4.63 -48.17
N TYR F 182 14.27 -5.56 -47.37
CA TYR F 182 15.72 -5.80 -47.25
C TYR F 182 16.46 -4.54 -46.84
#